data_8W5M
#
_entry.id   8W5M
#
_cell.length_a   1.00
_cell.length_b   1.00
_cell.length_c   1.00
_cell.angle_alpha   90.00
_cell.angle_beta   90.00
_cell.angle_gamma   90.00
#
_symmetry.space_group_name_H-M   'P 1'
#
loop_
_entity.id
_entity.type
_entity.pdbx_description
1 polymer 'Light chain of Ab17'
2 polymer 'Heavy chain of Ab17'
3 polymer 'Minor capsid protein A1'
#
loop_
_entity_poly.entity_id
_entity_poly.type
_entity_poly.pdbx_seq_one_letter_code
_entity_poly.pdbx_strand_id
1 'polypeptide(L)'
;SWAQAVVTQESALTTSPGETVTLTCRSSTGAVTTSNYANWVQEKPDHLFSGLIGGANNRVPGVPARFSGSLIGDKAALTI
TGAQTEDEAIYFCALWNGSHWVFGGGTKLTVL
;
L
2 'polypeptide(L)'
;VHSEVQLVESGGGLVKPGGSLKLSCAASGFTFSDYGMHWVRRAPEKGLEWISYISSGGSTIYYADTVKGRFTISGDNAKN
TLFLQMTSLRSEDTAMYFCARRGYDGHHYFDYWGQGTTLTVSSA
;
H
3 'polypeptide(L)'
;MAKLETVTLGNIGKDGKQTLVLNPRGVNPTNGVASLSQAGAVPALEKRVTVSVSQPSRNRKNYKVQVKIQNPTACTANGS
CDPSVTRQAYADVTFSFTQYSTDEERAFVRTELAALLASPLLIDAIDQLNPAY
;
A,b,B,C
#
# COMPACT_ATOMS: atom_id res chain seq x y z
N ALA A 5 -3.62 1.27 -15.10
CA ALA A 5 -2.58 2.05 -15.76
C ALA A 5 -1.46 1.13 -16.24
N VAL A 6 -1.77 0.23 -17.18
CA VAL A 6 -0.77 -0.72 -17.64
C VAL A 6 0.17 -0.06 -18.66
N VAL A 7 -0.32 0.92 -19.43
CA VAL A 7 0.52 1.70 -20.33
C VAL A 7 0.19 3.18 -20.13
N THR A 8 1.17 4.03 -20.43
CA THR A 8 1.00 5.47 -20.35
C THR A 8 1.58 6.11 -21.60
N GLN A 9 1.19 7.35 -21.86
CA GLN A 9 1.49 7.98 -23.13
C GLN A 9 1.59 9.49 -22.97
N GLU A 10 2.35 10.12 -23.86
CA GLU A 10 2.43 11.57 -23.94
C GLU A 10 2.94 11.95 -25.34
N SER A 11 2.96 13.25 -25.60
CA SER A 11 3.23 13.77 -26.93
C SER A 11 4.71 14.08 -27.11
N ALA A 12 5.05 14.76 -28.21
CA ALA A 12 6.42 15.12 -28.54
C ALA A 12 6.50 16.57 -29.03
N LEU A 13 5.85 17.47 -28.30
CA LEU A 13 5.71 18.86 -28.73
C LEU A 13 7.01 19.63 -28.54
N THR A 14 6.97 20.92 -28.87
CA THR A 14 8.10 21.82 -28.72
C THR A 14 7.57 23.22 -28.47
N THR A 15 8.47 24.14 -28.17
CA THR A 15 8.08 25.51 -27.87
C THR A 15 9.23 26.46 -28.17
N SER A 16 8.92 27.75 -28.10
CA SER A 16 9.90 28.81 -28.21
C SER A 16 10.52 29.07 -26.83
N PRO A 17 11.70 29.68 -26.79
CA PRO A 17 12.27 30.03 -25.48
C PRO A 17 11.50 31.12 -24.75
N GLY A 18 10.80 31.99 -25.47
CA GLY A 18 10.13 33.10 -24.84
C GLY A 18 8.65 32.99 -24.53
N GLU A 19 8.19 31.91 -23.86
CA GLU A 19 7.16 31.82 -22.83
C GLU A 19 6.96 30.40 -22.31
N THR A 20 5.99 30.22 -21.42
CA THR A 20 5.72 28.96 -20.73
C THR A 20 5.26 27.86 -21.69
N VAL A 21 5.24 26.63 -21.17
CA VAL A 21 4.79 25.44 -21.91
C VAL A 21 4.42 24.37 -20.88
N THR A 22 3.44 23.51 -21.22
CA THR A 22 3.03 22.43 -20.35
C THR A 22 3.26 21.07 -21.03
N LEU A 23 3.37 20.03 -20.21
CA LEU A 23 3.53 18.66 -20.68
C LEU A 23 2.56 17.77 -19.92
N THR A 24 1.69 17.08 -20.66
CA THR A 24 0.73 16.17 -20.04
C THR A 24 1.29 14.76 -19.96
N CYS A 25 0.70 13.95 -19.10
CA CYS A 25 1.05 12.53 -18.97
C CYS A 25 -0.27 11.77 -18.72
N ARG A 26 -0.85 11.28 -19.80
CA ARG A 26 -2.17 10.67 -19.76
C ARG A 26 -2.06 9.18 -19.51
N SER A 27 -2.68 8.70 -18.43
CA SER A 27 -2.84 7.27 -18.23
C SER A 27 -3.88 6.74 -19.22
N SER A 28 -3.62 5.55 -19.76
CA SER A 28 -4.48 5.04 -20.82
C SER A 28 -5.79 4.47 -20.28
N THR A 29 -5.77 3.86 -19.10
CA THR A 29 -6.97 3.26 -18.51
C THR A 29 -7.46 4.20 -17.40
N GLY A 30 -8.49 4.98 -17.70
CA GLY A 30 -9.08 5.86 -16.72
C GLY A 30 -8.34 7.18 -16.59
N ALA A 31 -8.20 7.65 -15.36
CA ALA A 31 -7.54 8.91 -15.06
C ALA A 31 -6.39 8.68 -14.09
N VAL A 32 -5.48 9.65 -14.04
CA VAL A 32 -4.44 9.62 -13.02
C VAL A 32 -5.07 10.07 -11.70
N THR A 33 -4.49 9.57 -10.61
CA THR A 33 -4.95 9.89 -9.28
C THR A 33 -3.74 10.18 -8.40
N THR A 34 -3.99 10.40 -7.10
CA THR A 34 -2.88 10.59 -6.17
C THR A 34 -2.10 9.30 -5.97
N SER A 35 -2.76 8.15 -6.06
CA SER A 35 -2.10 6.87 -5.88
C SER A 35 -1.11 6.58 -7.00
N ASN A 36 -1.39 7.10 -8.20
CA ASN A 36 -0.39 7.08 -9.26
C ASN A 36 0.66 8.13 -8.94
N TYR A 37 1.72 7.71 -8.25
CA TYR A 37 2.74 8.64 -7.77
C TYR A 37 3.56 9.13 -8.96
N ALA A 38 3.16 10.28 -9.52
CA ALA A 38 3.73 10.77 -10.76
C ALA A 38 4.94 11.63 -10.47
N ASN A 39 6.08 11.27 -11.06
CA ASN A 39 7.30 12.06 -10.95
C ASN A 39 8.06 12.02 -12.27
N TRP A 40 8.82 13.08 -12.54
CA TRP A 40 9.37 13.33 -13.87
C TRP A 40 10.87 13.14 -13.91
N VAL A 41 11.38 12.69 -15.06
CA VAL A 41 12.78 12.39 -15.27
C VAL A 41 13.25 13.16 -16.50
N GLN A 42 14.37 13.86 -16.37
CA GLN A 42 14.93 14.73 -17.42
C GLN A 42 16.19 14.06 -17.99
N GLU A 43 16.22 13.86 -19.31
CA GLU A 43 17.37 13.24 -19.94
C GLU A 43 18.08 14.20 -20.89
N LYS A 44 19.26 14.65 -20.50
CA LYS A 44 20.18 15.43 -21.33
C LYS A 44 20.71 14.46 -22.40
N PRO A 45 21.03 14.91 -23.62
CA PRO A 45 21.31 13.93 -24.69
C PRO A 45 22.67 13.22 -24.62
N ASP A 46 23.35 13.23 -23.48
CA ASP A 46 24.44 12.28 -23.28
C ASP A 46 23.93 11.03 -22.57
N HIS A 47 22.62 10.76 -22.68
CA HIS A 47 21.81 9.90 -21.83
C HIS A 47 22.16 10.00 -20.35
N LEU A 48 22.37 11.24 -19.88
CA LEU A 48 22.59 11.54 -18.48
C LEU A 48 21.24 11.98 -17.89
N PHE A 49 20.62 11.09 -17.13
CA PHE A 49 19.31 11.37 -16.55
C PHE A 49 19.45 12.27 -15.34
N SER A 50 18.29 12.74 -14.85
CA SER A 50 18.21 13.54 -13.62
C SER A 50 16.76 13.51 -13.14
N GLY A 51 16.58 13.46 -11.82
CA GLY A 51 15.24 13.58 -11.26
C GLY A 51 14.80 15.03 -11.23
N LEU A 52 13.52 15.25 -11.54
CA LEU A 52 13.05 16.62 -11.78
C LEU A 52 12.03 17.10 -10.76
N ILE A 53 10.89 16.43 -10.60
CA ILE A 53 9.80 16.91 -9.75
C ILE A 53 9.10 15.72 -9.12
N GLY A 54 8.95 15.73 -7.79
CA GLY A 54 8.43 14.63 -7.03
C GLY A 54 6.94 14.38 -7.25
N GLY A 55 6.37 13.63 -6.30
CA GLY A 55 5.03 13.11 -6.49
C GLY A 55 3.93 14.13 -6.33
N ALA A 56 3.96 14.88 -5.22
CA ALA A 56 2.85 15.81 -4.93
C ALA A 56 3.17 17.20 -5.47
N ASN A 57 4.21 17.83 -4.94
CA ASN A 57 4.69 19.11 -5.44
C ASN A 57 6.20 19.21 -5.39
N ASN A 58 6.90 18.17 -4.95
CA ASN A 58 8.27 18.31 -4.49
C ASN A 58 9.23 18.42 -5.67
N ARG A 59 10.34 19.12 -5.45
CA ARG A 59 11.43 19.19 -6.40
C ARG A 59 12.70 18.60 -5.78
N VAL A 60 13.54 18.05 -6.63
CA VAL A 60 14.86 17.60 -6.21
C VAL A 60 15.72 18.82 -5.89
N PRO A 61 16.45 18.84 -4.76
CA PRO A 61 17.31 19.99 -4.45
C PRO A 61 18.42 20.20 -5.46
N GLY A 62 18.33 21.30 -6.22
CA GLY A 62 19.14 21.53 -7.38
C GLY A 62 18.33 21.83 -8.63
N VAL A 63 17.09 21.39 -8.67
CA VAL A 63 16.18 21.74 -9.78
C VAL A 63 15.76 23.20 -9.63
N PRO A 64 15.80 24.00 -10.68
CA PRO A 64 15.45 25.42 -10.57
C PRO A 64 13.97 25.64 -10.29
N ALA A 65 13.64 26.90 -10.00
CA ALA A 65 12.32 27.29 -9.54
C ALA A 65 11.28 27.37 -10.64
N ARG A 66 11.68 27.24 -11.90
CA ARG A 66 10.74 27.34 -13.02
C ARG A 66 10.17 25.98 -13.42
N PHE A 67 9.73 25.23 -12.40
CA PHE A 67 9.30 23.85 -12.57
C PHE A 67 8.22 23.56 -11.53
N SER A 68 7.07 23.05 -11.97
CA SER A 68 5.98 22.76 -11.04
C SER A 68 5.20 21.54 -11.52
N GLY A 69 4.93 20.62 -10.60
CA GLY A 69 4.07 19.48 -10.90
C GLY A 69 2.61 19.76 -10.59
N SER A 70 1.72 19.03 -11.25
CA SER A 70 0.31 19.38 -11.21
C SER A 70 -0.55 18.12 -11.35
N LEU A 71 -1.85 18.31 -11.21
CA LEU A 71 -2.86 17.31 -11.57
C LEU A 71 -3.98 18.04 -12.33
N ILE A 72 -3.61 18.78 -13.36
CA ILE A 72 -4.53 19.53 -14.20
C ILE A 72 -5.48 18.57 -14.92
N GLY A 73 -6.76 18.63 -14.57
CA GLY A 73 -7.75 17.77 -15.17
C GLY A 73 -7.63 16.31 -14.76
N ASP A 74 -7.45 15.43 -15.74
CA ASP A 74 -7.25 14.01 -15.50
C ASP A 74 -5.87 13.55 -15.94
N LYS A 75 -4.92 14.48 -16.02
CA LYS A 75 -3.59 14.21 -16.54
C LYS A 75 -2.57 14.84 -15.62
N ALA A 76 -1.47 14.12 -15.37
CA ALA A 76 -0.38 14.69 -14.61
C ALA A 76 0.39 15.68 -15.50
N ALA A 77 0.42 16.94 -15.08
CA ALA A 77 0.96 18.00 -15.92
C ALA A 77 2.38 18.35 -15.51
N LEU A 78 3.02 19.23 -16.28
CA LEU A 78 4.39 19.64 -16.01
C LEU A 78 4.57 21.04 -16.61
N THR A 79 4.51 22.06 -15.76
CA THR A 79 4.51 23.45 -16.20
C THR A 79 5.91 24.02 -16.03
N ILE A 80 6.55 24.36 -17.15
CA ILE A 80 7.85 25.02 -17.13
C ILE A 80 7.62 26.49 -17.45
N THR A 81 7.87 27.37 -16.49
CA THR A 81 7.55 28.78 -16.61
C THR A 81 8.76 29.52 -17.18
N GLY A 82 8.66 29.96 -18.43
CA GLY A 82 9.76 30.64 -19.07
C GLY A 82 10.90 29.69 -19.39
N ALA A 83 10.66 28.79 -20.34
CA ALA A 83 11.61 27.72 -20.64
C ALA A 83 12.83 28.28 -21.36
N GLN A 84 13.98 28.27 -20.69
CA GLN A 84 15.19 28.78 -21.29
C GLN A 84 15.81 27.74 -22.23
N THR A 85 17.05 27.97 -22.63
CA THR A 85 17.68 27.11 -23.63
C THR A 85 18.42 25.92 -23.04
N GLU A 86 18.66 25.89 -21.72
CA GLU A 86 19.45 24.80 -21.17
C GLU A 86 18.65 23.52 -20.93
N ASP A 87 17.34 23.61 -20.74
CA ASP A 87 16.52 22.42 -20.59
C ASP A 87 15.92 21.97 -21.92
N GLU A 88 16.76 21.88 -22.94
CA GLU A 88 16.37 21.41 -24.26
C GLU A 88 16.66 19.92 -24.29
N ALA A 89 15.72 19.14 -23.77
CA ALA A 89 15.95 17.73 -23.50
C ALA A 89 14.64 16.98 -23.72
N ILE A 90 14.61 15.72 -23.31
CA ILE A 90 13.41 14.91 -23.35
C ILE A 90 13.00 14.59 -21.92
N TYR A 91 11.70 14.58 -21.66
CA TYR A 91 11.16 14.44 -20.31
C TYR A 91 10.37 13.14 -20.24
N PHE A 92 10.59 12.37 -19.17
CA PHE A 92 9.96 11.08 -18.98
C PHE A 92 8.96 11.15 -17.83
N CYS A 93 7.93 10.32 -17.91
CA CYS A 93 6.87 10.27 -16.91
C CYS A 93 6.87 8.90 -16.25
N ALA A 94 6.13 8.79 -15.14
CA ALA A 94 6.15 7.57 -14.35
C ALA A 94 4.84 7.43 -13.57
N LEU A 95 4.30 6.23 -13.53
CA LEU A 95 3.11 5.94 -12.75
C LEU A 95 3.26 4.60 -12.06
N TRP A 96 2.72 4.50 -10.85
CA TRP A 96 2.66 3.26 -10.08
C TRP A 96 1.23 2.74 -10.12
N ASN A 97 1.00 1.68 -10.91
CA ASN A 97 -0.34 1.15 -11.12
C ASN A 97 -0.78 0.16 -10.05
N GLY A 98 -0.05 0.07 -8.94
CA GLY A 98 -0.32 -0.89 -7.90
C GLY A 98 0.60 -2.09 -7.92
N SER A 99 1.23 -2.39 -9.04
CA SER A 99 2.13 -3.54 -9.12
C SER A 99 3.53 -3.20 -9.61
N HIS A 100 3.66 -2.33 -10.61
CA HIS A 100 4.97 -2.02 -11.17
C HIS A 100 4.96 -0.62 -11.76
N TRP A 101 6.12 0.04 -11.68
CA TRP A 101 6.26 1.37 -12.28
C TRP A 101 6.17 1.27 -13.80
N VAL A 102 5.51 2.26 -14.41
CA VAL A 102 5.32 2.29 -15.85
C VAL A 102 5.87 3.62 -16.36
N PHE A 103 6.85 3.56 -17.24
CA PHE A 103 7.41 4.76 -17.85
C PHE A 103 6.82 4.92 -19.25
N GLY A 104 6.76 6.17 -19.71
CA GLY A 104 6.21 6.47 -21.02
C GLY A 104 7.28 6.87 -22.03
N GLY A 105 6.82 7.16 -23.24
CA GLY A 105 7.68 7.69 -24.27
C GLY A 105 8.08 9.12 -23.97
N GLY A 106 9.08 9.60 -24.71
CA GLY A 106 9.66 10.90 -24.44
C GLY A 106 8.81 12.06 -24.92
N THR A 107 9.38 13.26 -24.74
CA THR A 107 8.78 14.50 -25.25
C THR A 107 9.94 15.41 -25.63
N LYS A 108 10.22 15.49 -26.94
CA LYS A 108 11.43 16.14 -27.46
C LYS A 108 11.24 17.66 -27.41
N LEU A 109 11.57 18.25 -26.26
CA LEU A 109 11.55 19.71 -26.15
C LEU A 109 12.71 20.32 -26.93
N THR A 110 12.38 21.18 -27.88
CA THR A 110 13.40 21.94 -28.60
C THR A 110 13.09 23.43 -28.54
N SER B 3 30.04 15.48 -3.47
CA SER B 3 28.59 15.49 -3.35
C SER B 3 28.06 14.05 -3.37
N GLU B 4 27.45 13.67 -4.49
CA GLU B 4 26.87 12.33 -4.63
C GLU B 4 26.88 11.96 -6.09
N VAL B 5 27.73 10.99 -6.46
CA VAL B 5 27.88 10.53 -7.82
C VAL B 5 27.78 9.01 -7.83
N GLN B 6 26.87 8.47 -8.63
CA GLN B 6 26.77 7.04 -8.83
C GLN B 6 27.43 6.64 -10.14
N LEU B 7 27.92 5.41 -10.20
CA LEU B 7 28.49 4.87 -11.43
C LEU B 7 28.32 3.35 -11.43
N VAL B 8 27.75 2.83 -12.52
CA VAL B 8 27.63 1.40 -12.73
C VAL B 8 28.62 1.01 -13.83
N GLU B 9 29.43 -0.01 -13.56
CA GLU B 9 30.39 -0.49 -14.54
C GLU B 9 30.52 -1.99 -14.63
N SER B 10 30.05 -2.76 -13.65
CA SER B 10 30.30 -4.20 -13.64
C SER B 10 29.30 -4.91 -14.54
N GLY B 11 29.80 -5.68 -15.49
CA GLY B 11 28.99 -6.35 -16.47
C GLY B 11 29.01 -5.61 -17.81
N GLY B 12 28.44 -6.28 -18.81
CA GLY B 12 28.41 -5.74 -20.15
C GLY B 12 29.09 -6.63 -21.17
N GLY B 13 29.17 -7.93 -20.86
CA GLY B 13 29.78 -8.87 -21.77
C GLY B 13 28.80 -9.47 -22.77
N LEU B 14 29.34 -10.02 -23.84
CA LEU B 14 28.54 -10.65 -24.89
C LEU B 14 28.19 -12.06 -24.44
N VAL B 15 27.22 -12.13 -23.54
CA VAL B 15 26.89 -13.39 -22.86
C VAL B 15 25.97 -14.22 -23.73
N LYS B 16 26.27 -15.52 -23.83
CA LYS B 16 25.41 -16.48 -24.51
C LYS B 16 24.07 -16.60 -23.77
N PRO B 17 22.99 -17.03 -24.46
CA PRO B 17 21.71 -17.19 -23.77
C PRO B 17 21.64 -18.36 -22.78
N GLY B 18 22.48 -18.34 -21.74
CA GLY B 18 22.45 -19.34 -20.71
C GLY B 18 22.30 -18.80 -19.30
N GLY B 19 22.78 -17.57 -19.07
CA GLY B 19 22.67 -16.90 -17.80
C GLY B 19 24.03 -16.50 -17.25
N SER B 20 24.09 -16.39 -15.92
CA SER B 20 25.31 -16.29 -15.12
C SER B 20 26.14 -15.03 -15.47
N LEU B 21 25.57 -13.88 -15.12
CA LEU B 21 26.28 -12.61 -15.17
C LEU B 21 25.96 -11.84 -13.88
N LYS B 22 26.66 -10.74 -13.64
CA LYS B 22 26.41 -9.91 -12.46
C LYS B 22 26.57 -8.45 -12.82
N LEU B 23 25.52 -7.66 -12.59
CA LEU B 23 25.58 -6.21 -12.65
C LEU B 23 25.84 -5.70 -11.24
N SER B 24 26.65 -4.64 -11.15
CA SER B 24 26.96 -4.06 -9.85
C SER B 24 27.30 -2.59 -10.01
N CYS B 25 26.87 -1.78 -9.04
CA CYS B 25 27.16 -0.37 -9.00
C CYS B 25 27.66 0.01 -7.61
N ALA B 26 28.42 1.09 -7.54
CA ALA B 26 29.01 1.55 -6.29
C ALA B 26 28.43 2.90 -5.92
N ALA B 27 27.95 3.02 -4.68
CA ALA B 27 27.37 4.26 -4.20
C ALA B 27 28.41 5.06 -3.44
N SER B 28 28.39 6.38 -3.61
CA SER B 28 29.43 7.24 -3.06
C SER B 28 28.90 8.21 -2.00
N GLY B 29 27.91 9.03 -2.34
CA GLY B 29 27.52 10.11 -1.46
C GLY B 29 26.46 9.80 -0.42
N PHE B 30 26.11 8.53 -0.24
CA PHE B 30 25.04 8.17 0.68
C PHE B 30 25.30 6.76 1.20
N THR B 31 24.32 6.20 1.91
CA THR B 31 24.40 4.85 2.42
C THR B 31 23.07 4.15 2.17
N PHE B 32 23.08 2.83 2.27
CA PHE B 32 21.89 2.01 2.02
C PHE B 32 21.02 1.86 3.26
N SER B 33 21.26 2.65 4.31
CA SER B 33 20.46 2.54 5.51
C SER B 33 19.09 3.18 5.35
N ASP B 34 18.98 4.22 4.53
CA ASP B 34 17.70 4.92 4.34
C ASP B 34 17.49 5.29 2.87
N TYR B 35 17.93 4.42 1.95
CA TYR B 35 17.70 4.63 0.53
C TYR B 35 17.53 3.29 -0.16
N GLY B 36 16.69 3.27 -1.20
CA GLY B 36 16.48 2.08 -2.00
C GLY B 36 16.88 2.30 -3.44
N MET B 37 17.17 1.24 -4.18
CA MET B 37 17.73 1.36 -5.52
C MET B 37 16.83 0.68 -6.53
N HIS B 38 16.58 1.34 -7.65
CA HIS B 38 15.81 0.80 -8.75
C HIS B 38 16.73 0.29 -9.84
N TRP B 39 16.19 -0.56 -10.72
CA TRP B 39 16.82 -0.92 -11.98
C TRP B 39 15.81 -0.65 -13.09
N VAL B 40 16.23 0.08 -14.12
CA VAL B 40 15.40 0.29 -15.30
C VAL B 40 16.15 -0.24 -16.52
N ARG B 41 15.41 -0.37 -17.63
CA ARG B 41 15.88 -1.19 -18.76
C ARG B 41 15.43 -0.51 -20.05
N ARG B 42 16.36 0.18 -20.72
CA ARG B 42 16.09 0.79 -22.02
C ARG B 42 16.46 -0.21 -23.12
N ALA B 43 15.44 -0.79 -23.76
CA ALA B 43 15.65 -1.57 -24.97
C ALA B 43 16.22 -0.66 -26.07
N PRO B 44 17.03 -1.20 -27.01
CA PRO B 44 17.89 -0.32 -27.85
C PRO B 44 17.16 0.67 -28.74
N GLU B 45 15.87 0.53 -28.95
CA GLU B 45 15.07 1.56 -29.60
C GLU B 45 13.76 1.85 -28.90
N LYS B 46 13.35 1.04 -27.93
CA LYS B 46 12.07 1.22 -27.26
C LYS B 46 12.20 2.23 -26.13
N GLY B 47 11.14 2.34 -25.32
CA GLY B 47 11.18 3.17 -24.14
C GLY B 47 11.81 2.44 -22.97
N LEU B 48 11.84 3.14 -21.85
CA LEU B 48 12.37 2.55 -20.62
C LEU B 48 11.41 1.50 -20.07
N GLU B 49 11.94 0.63 -19.21
CA GLU B 49 11.12 -0.38 -18.55
C GLU B 49 11.73 -0.68 -17.19
N TRP B 50 10.90 -0.67 -16.16
CA TRP B 50 11.33 -0.93 -14.79
C TRP B 50 11.50 -2.43 -14.57
N ILE B 51 12.57 -2.81 -13.87
CA ILE B 51 12.87 -4.22 -13.66
C ILE B 51 12.49 -4.66 -12.25
N SER B 52 13.19 -4.13 -11.25
CA SER B 52 13.09 -4.61 -9.88
C SER B 52 13.60 -3.52 -8.94
N TYR B 53 13.52 -3.79 -7.64
CA TYR B 53 13.77 -2.78 -6.61
C TYR B 53 13.94 -3.45 -5.26
N ILE B 54 15.04 -3.16 -4.59
CA ILE B 54 15.11 -3.38 -3.15
C ILE B 54 14.99 -2.03 -2.49
N SER B 55 14.49 -2.02 -1.28
CA SER B 55 14.20 -0.81 -0.54
C SER B 55 15.30 -0.55 0.49
N SER B 56 15.06 0.43 1.36
CA SER B 56 16.04 0.81 2.37
C SER B 56 16.15 -0.28 3.42
N GLY B 57 17.34 -0.86 3.56
CA GLY B 57 17.57 -1.96 4.47
C GLY B 57 17.30 -3.33 3.89
N GLY B 58 16.70 -3.42 2.71
CA GLY B 58 16.45 -4.69 2.06
C GLY B 58 15.39 -5.53 2.73
N SER B 59 14.14 -5.08 2.69
CA SER B 59 13.03 -5.80 3.29
C SER B 59 11.84 -6.00 2.37
N THR B 60 11.66 -5.16 1.35
CA THR B 60 10.60 -5.34 0.36
C THR B 60 11.23 -5.32 -1.02
N ILE B 61 11.07 -6.42 -1.76
CA ILE B 61 11.61 -6.58 -3.10
C ILE B 61 10.43 -6.94 -4.01
N TYR B 62 10.44 -6.45 -5.26
CA TYR B 62 9.23 -6.42 -6.07
C TYR B 62 9.23 -7.37 -7.26
N TYR B 63 10.21 -7.22 -8.19
CA TYR B 63 10.35 -8.02 -9.40
C TYR B 63 9.15 -7.98 -10.35
N ALA B 64 8.97 -6.87 -11.08
CA ALA B 64 7.96 -6.70 -12.14
C ALA B 64 7.85 -7.92 -13.06
N ASP B 65 6.61 -8.26 -13.43
CA ASP B 65 6.27 -9.60 -13.91
C ASP B 65 6.54 -9.78 -15.41
N THR B 66 7.79 -9.50 -15.80
CA THR B 66 8.42 -10.14 -16.95
C THR B 66 9.72 -10.77 -16.52
N VAL B 67 10.07 -10.64 -15.25
CA VAL B 67 11.41 -10.91 -14.74
C VAL B 67 11.41 -11.89 -13.56
N LYS B 68 10.32 -11.97 -12.80
CA LYS B 68 10.28 -12.60 -11.47
C LYS B 68 10.57 -14.09 -11.51
N GLY B 69 11.71 -14.48 -10.95
CA GLY B 69 12.15 -15.86 -10.92
C GLY B 69 13.55 -16.05 -11.48
N ARG B 70 13.95 -15.22 -12.44
CA ARG B 70 15.23 -15.38 -13.11
C ARG B 70 16.20 -14.21 -12.92
N PHE B 71 15.80 -13.12 -12.25
CA PHE B 71 16.77 -12.16 -11.74
C PHE B 71 16.77 -12.20 -10.22
N THR B 72 17.89 -11.82 -9.62
CA THR B 72 17.98 -11.57 -8.19
C THR B 72 18.74 -10.28 -7.95
N ILE B 73 18.15 -9.39 -7.16
CA ILE B 73 18.77 -8.16 -6.72
C ILE B 73 19.03 -8.27 -5.22
N SER B 74 20.24 -7.89 -4.81
CA SER B 74 20.58 -7.86 -3.39
C SER B 74 21.52 -6.68 -3.16
N GLY B 75 21.86 -6.48 -1.90
CA GLY B 75 22.79 -5.42 -1.53
C GLY B 75 23.76 -5.92 -0.48
N ASP B 76 24.95 -5.32 -0.50
CA ASP B 76 26.00 -5.66 0.45
C ASP B 76 26.41 -4.36 1.13
N ASN B 77 26.08 -4.22 2.42
CA ASN B 77 26.31 -2.97 3.13
C ASN B 77 27.79 -2.70 3.39
N ALA B 78 28.62 -3.74 3.43
CA ALA B 78 30.05 -3.55 3.36
C ALA B 78 30.43 -3.12 1.95
N LYS B 79 31.28 -2.08 1.86
CA LYS B 79 31.82 -1.45 0.65
C LYS B 79 30.77 -0.70 -0.18
N ASN B 80 29.49 -0.71 0.23
CA ASN B 80 28.40 0.08 -0.35
C ASN B 80 28.19 -0.23 -1.84
N THR B 81 27.81 -1.48 -2.12
CA THR B 81 27.58 -1.94 -3.47
C THR B 81 26.20 -2.57 -3.58
N LEU B 82 25.71 -2.65 -4.82
CA LEU B 82 24.34 -3.06 -5.09
C LEU B 82 24.38 -4.11 -6.20
N PHE B 83 23.85 -5.30 -5.90
CA PHE B 83 23.99 -6.47 -6.75
C PHE B 83 22.82 -6.62 -7.72
N LEU B 84 23.06 -7.38 -8.78
CA LEU B 84 22.00 -7.79 -9.71
C LEU B 84 22.49 -9.07 -10.37
N GLN B 85 21.95 -10.21 -9.96
CA GLN B 85 22.46 -11.53 -10.32
C GLN B 85 21.33 -12.34 -10.95
N MET B 86 21.52 -12.74 -12.20
CA MET B 86 20.47 -13.46 -12.90
C MET B 86 20.82 -14.93 -13.13
N THR B 87 19.86 -15.68 -13.68
CA THR B 87 20.06 -17.06 -14.06
C THR B 87 19.82 -17.34 -15.53
N SER B 88 19.22 -16.42 -16.28
CA SER B 88 18.93 -16.65 -17.68
C SER B 88 18.91 -15.32 -18.44
N LEU B 89 19.29 -15.38 -19.72
CA LEU B 89 19.23 -14.25 -20.64
C LEU B 89 18.49 -14.77 -21.86
N ARG B 90 17.15 -14.67 -21.85
CA ARG B 90 16.36 -15.50 -22.77
C ARG B 90 16.26 -14.92 -24.17
N SER B 91 15.55 -13.80 -24.34
CA SER B 91 15.17 -13.36 -25.68
C SER B 91 15.78 -12.02 -26.08
N GLU B 92 15.44 -10.91 -25.40
CA GLU B 92 16.03 -9.64 -25.80
C GLU B 92 17.18 -9.24 -24.86
N ASP B 93 16.86 -8.93 -23.60
CA ASP B 93 17.74 -8.52 -22.49
C ASP B 93 18.92 -7.64 -22.88
N THR B 94 18.70 -6.70 -23.81
CA THR B 94 19.73 -5.79 -24.29
C THR B 94 19.39 -4.38 -23.86
N ALA B 95 20.25 -3.79 -23.02
CA ALA B 95 19.92 -2.51 -22.43
C ALA B 95 21.16 -1.83 -21.88
N MET B 96 21.12 -0.51 -21.87
CA MET B 96 21.88 0.26 -20.89
C MET B 96 21.12 0.19 -19.58
N TYR B 97 21.62 -0.60 -18.63
CA TYR B 97 20.94 -0.76 -17.35
C TYR B 97 21.34 0.36 -16.41
N PHE B 98 20.36 1.17 -15.99
CA PHE B 98 20.60 2.30 -15.11
C PHE B 98 20.16 1.96 -13.69
N CYS B 99 20.60 2.79 -12.74
CA CYS B 99 20.24 2.62 -11.34
C CYS B 99 19.93 4.01 -10.77
N ALA B 100 18.96 4.06 -9.85
CA ALA B 100 18.17 5.29 -9.70
C ALA B 100 18.22 5.99 -8.34
N ARG B 101 18.43 5.27 -7.23
CA ARG B 101 18.32 5.79 -5.85
C ARG B 101 16.95 6.37 -5.53
N ARG B 102 15.95 5.50 -5.29
CA ARG B 102 14.72 5.93 -4.64
C ARG B 102 15.04 6.71 -3.38
N GLY B 103 14.63 7.98 -3.35
CA GLY B 103 14.97 8.86 -2.26
C GLY B 103 14.14 8.61 -1.01
N TYR B 104 13.87 9.69 -0.29
CA TYR B 104 13.00 9.63 0.88
C TYR B 104 11.56 9.42 0.44
N ASP B 105 10.70 9.13 1.41
CA ASP B 105 9.40 8.53 1.11
C ASP B 105 8.37 9.53 0.62
N GLY B 106 8.35 10.75 1.13
CA GLY B 106 7.48 11.74 0.54
C GLY B 106 8.09 12.52 -0.59
N HIS B 107 9.33 12.18 -0.93
CA HIS B 107 10.19 12.90 -1.85
C HIS B 107 10.26 12.17 -3.18
N HIS B 108 11.15 12.63 -4.06
CA HIS B 108 11.24 12.08 -5.40
C HIS B 108 11.81 10.66 -5.37
N TYR B 109 11.32 9.82 -6.29
CA TYR B 109 11.66 8.40 -6.27
C TYR B 109 12.61 7.94 -7.36
N PHE B 110 12.96 8.79 -8.34
CA PHE B 110 14.01 8.46 -9.31
C PHE B 110 14.89 9.71 -9.49
N ASP B 111 15.77 10.00 -8.52
CA ASP B 111 16.28 11.37 -8.45
C ASP B 111 17.77 11.52 -8.77
N TYR B 112 18.59 10.52 -8.50
CA TYR B 112 20.03 10.62 -8.78
C TYR B 112 20.48 9.32 -9.45
N TRP B 113 20.72 9.41 -10.75
CA TRP B 113 20.82 8.25 -11.63
C TRP B 113 22.27 7.82 -11.83
N GLY B 114 22.41 6.64 -12.45
CA GLY B 114 23.70 6.18 -12.93
C GLY B 114 23.97 6.62 -14.35
N GLN B 115 24.83 5.87 -15.03
CA GLN B 115 25.19 6.19 -16.41
C GLN B 115 25.06 5.03 -17.37
N GLY B 116 24.81 3.82 -16.90
CA GLY B 116 24.37 2.73 -17.76
C GLY B 116 25.51 1.87 -18.27
N THR B 117 25.22 0.57 -18.41
CA THR B 117 26.13 -0.40 -19.01
C THR B 117 25.38 -1.20 -20.05
N THR B 118 25.98 -1.34 -21.23
CA THR B 118 25.34 -2.03 -22.35
C THR B 118 25.65 -3.52 -22.26
N LEU B 119 24.60 -4.31 -22.03
CA LEU B 119 24.70 -5.76 -21.87
C LEU B 119 23.94 -6.42 -23.02
N THR B 120 24.67 -6.96 -23.99
CA THR B 120 24.08 -7.58 -25.16
C THR B 120 24.08 -9.10 -24.99
N VAL B 121 23.02 -9.74 -25.47
CA VAL B 121 22.91 -11.20 -25.40
C VAL B 121 23.53 -11.83 -26.63
N ALA C 2 -2.70 0.96 -0.46
CA ALA C 2 -1.83 0.43 -1.46
C ALA C 2 -1.43 -0.88 -0.93
N LYS C 3 -0.14 -1.05 -0.63
CA LYS C 3 0.39 -2.27 -0.08
C LYS C 3 1.39 -1.96 0.99
N LEU C 4 1.58 -2.78 1.99
CA LEU C 4 2.53 -2.47 3.01
C LEU C 4 3.96 -2.59 2.54
N GLU C 5 4.79 -1.62 2.81
CA GLU C 5 6.19 -1.66 2.42
C GLU C 5 6.97 -0.75 3.34
N THR C 6 8.29 -0.85 3.38
CA THR C 6 9.00 0.02 4.29
C THR C 6 8.82 1.43 3.89
N VAL C 7 8.53 2.30 4.85
CA VAL C 7 8.26 3.69 4.66
C VAL C 7 9.41 4.42 5.24
N THR C 8 10.31 4.98 4.47
CA THR C 8 11.52 5.62 4.99
C THR C 8 11.32 7.15 5.00
N LEU C 9 10.74 7.64 6.09
CA LEU C 9 10.43 9.05 6.22
C LEU C 9 11.70 9.83 6.53
N GLY C 10 11.86 10.98 5.86
CA GLY C 10 13.05 11.78 6.03
C GLY C 10 12.77 13.18 6.50
N ASN C 11 13.83 13.86 6.98
CA ASN C 11 13.79 15.23 7.50
C ASN C 11 12.79 15.37 8.64
N ILE C 12 13.07 14.64 9.71
CA ILE C 12 12.23 14.59 10.90
C ILE C 12 13.03 15.17 12.07
N GLY C 13 12.35 15.89 12.94
CA GLY C 13 12.92 16.27 14.21
C GLY C 13 12.82 17.76 14.46
N LYS C 14 13.39 18.17 15.60
CA LYS C 14 13.44 19.57 15.97
C LYS C 14 14.33 20.37 15.03
N ASP C 15 15.44 19.76 14.60
CA ASP C 15 16.34 20.41 13.64
C ASP C 15 15.98 20.08 12.19
N GLY C 16 15.52 18.87 11.93
CA GLY C 16 15.13 18.47 10.60
C GLY C 16 16.15 17.62 9.86
N LYS C 17 16.87 16.75 10.55
CA LYS C 17 17.89 15.91 9.91
C LYS C 17 17.75 14.43 10.19
N GLN C 18 16.89 14.03 11.13
CA GLN C 18 16.76 12.62 11.46
C GLN C 18 15.83 11.93 10.48
N THR C 19 16.08 10.64 10.26
CA THR C 19 15.25 9.81 9.39
C THR C 19 14.68 8.65 10.21
N LEU C 20 13.58 8.10 9.72
CA LEU C 20 12.93 6.99 10.39
C LEU C 20 12.46 5.99 9.34
N VAL C 21 13.03 4.79 9.37
CA VAL C 21 12.66 3.73 8.44
C VAL C 21 11.73 2.76 9.16
N LEU C 22 10.58 2.48 8.56
CA LEU C 22 9.56 1.62 9.15
C LEU C 22 9.35 0.43 8.23
N ASN C 23 9.48 -0.77 8.79
CA ASN C 23 9.26 -2.03 8.12
C ASN C 23 7.84 -2.52 8.40
N PRO C 24 7.16 -3.09 7.40
CA PRO C 24 5.81 -3.59 7.62
C PRO C 24 5.82 -4.90 8.39
N ARG C 25 4.81 -5.10 9.23
CA ARG C 25 4.68 -6.30 10.03
C ARG C 25 3.27 -6.87 9.93
N GLY C 26 2.75 -6.97 8.71
CA GLY C 26 1.51 -7.67 8.45
C GLY C 26 0.28 -6.87 8.81
N VAL C 27 -0.87 -7.47 8.52
CA VAL C 27 -2.18 -6.88 8.78
C VAL C 27 -2.92 -7.80 9.75
N ASN C 28 -3.39 -7.23 10.85
CA ASN C 28 -4.13 -7.99 11.86
C ASN C 28 -5.47 -8.43 11.30
N PRO C 29 -5.75 -9.74 11.22
CA PRO C 29 -7.02 -10.17 10.61
C PRO C 29 -8.24 -9.94 11.48
N THR C 30 -8.06 -9.73 12.79
CA THR C 30 -9.20 -9.58 13.69
C THR C 30 -9.90 -8.25 13.50
N ASN C 31 -9.14 -7.18 13.22
CA ASN C 31 -9.72 -5.86 13.09
C ASN C 31 -9.24 -5.06 11.89
N GLY C 32 -8.41 -5.63 11.03
CA GLY C 32 -7.99 -4.95 9.81
C GLY C 32 -7.05 -3.78 10.03
N VAL C 33 -6.09 -3.92 10.94
CA VAL C 33 -5.18 -2.84 11.31
C VAL C 33 -3.78 -3.21 10.84
N ALA C 34 -3.28 -2.46 9.87
CA ALA C 34 -1.92 -2.69 9.38
C ALA C 34 -0.90 -2.01 10.27
N SER C 35 0.23 -2.68 10.50
CA SER C 35 1.24 -2.20 11.42
C SER C 35 2.58 -2.03 10.72
N LEU C 36 3.34 -1.04 11.17
CA LEU C 36 4.70 -0.82 10.74
C LEU C 36 5.53 -0.46 11.97
N SER C 37 6.81 -0.81 11.97
CA SER C 37 7.63 -0.50 13.13
C SER C 37 9.07 -0.28 12.72
N GLN C 38 9.82 0.39 13.60
CA GLN C 38 11.24 0.62 13.38
C GLN C 38 12.02 -0.66 13.64
N ALA C 39 13.03 -0.91 12.82
CA ALA C 39 13.88 -2.08 13.00
C ALA C 39 14.90 -1.86 14.11
N GLY C 40 14.43 -1.86 15.36
CA GLY C 40 15.29 -1.66 16.51
C GLY C 40 15.62 -2.95 17.22
N ALA C 41 14.98 -4.04 16.76
CA ALA C 41 15.25 -5.43 17.14
C ALA C 41 14.90 -5.74 18.60
N VAL C 42 14.32 -4.79 19.33
CA VAL C 42 13.84 -5.05 20.69
C VAL C 42 12.32 -4.86 20.68
N PRO C 43 11.54 -5.91 20.95
CA PRO C 43 10.07 -5.83 20.79
C PRO C 43 9.32 -4.85 21.69
N ALA C 44 9.98 -4.20 22.65
CA ALA C 44 9.29 -3.21 23.47
C ALA C 44 9.78 -1.80 23.19
N LEU C 45 10.84 -1.63 22.42
CA LEU C 45 11.46 -0.34 22.19
C LEU C 45 11.32 0.10 20.74
N GLU C 46 10.22 -0.31 20.09
CA GLU C 46 10.00 -0.02 18.69
C GLU C 46 9.02 1.13 18.55
N LYS C 47 9.40 2.10 17.71
CA LYS C 47 8.48 3.15 17.31
C LYS C 47 7.56 2.59 16.25
N ARG C 48 6.25 2.62 16.50
CA ARG C 48 5.32 1.90 15.62
C ARG C 48 4.19 2.80 15.16
N VAL C 49 3.66 2.47 13.99
CA VAL C 49 2.59 3.22 13.32
C VAL C 49 1.57 2.21 12.82
N THR C 50 0.31 2.38 13.23
CA THR C 50 -0.77 1.48 12.81
C THR C 50 -1.83 2.28 12.06
N VAL C 51 -2.17 1.82 10.86
CA VAL C 51 -3.13 2.49 10.00
C VAL C 51 -4.25 1.52 9.65
N SER C 52 -5.50 2.01 9.68
CA SER C 52 -6.65 1.16 9.37
C SER C 52 -7.79 1.98 8.84
N VAL C 53 -8.39 1.53 7.74
CA VAL C 53 -9.59 2.15 7.19
C VAL C 53 -10.77 1.23 7.49
N SER C 54 -11.91 1.83 7.81
CA SER C 54 -13.08 1.11 8.28
C SER C 54 -14.27 1.39 7.35
N GLN C 55 -14.83 0.30 6.81
CA GLN C 55 -16.01 0.18 5.98
C GLN C 55 -17.26 0.62 6.74
N PRO C 56 -18.39 0.91 6.08
CA PRO C 56 -19.57 1.31 6.84
C PRO C 56 -20.32 0.09 7.36
N SER C 57 -20.99 0.28 8.48
CA SER C 57 -21.79 -0.75 9.12
C SER C 57 -23.22 -0.26 9.26
N ARG C 58 -24.04 -1.01 9.99
CA ARG C 58 -25.39 -0.56 10.30
C ARG C 58 -25.43 0.39 11.49
N ASN C 59 -24.26 0.81 11.99
CA ASN C 59 -24.19 1.69 13.15
C ASN C 59 -23.33 2.93 12.92
N ARG C 60 -22.59 3.00 11.82
CA ARG C 60 -21.71 4.13 11.55
C ARG C 60 -22.02 4.85 10.24
N LYS C 61 -22.30 4.08 9.17
CA LYS C 61 -22.61 4.55 7.80
C LYS C 61 -21.67 5.65 7.27
N ASN C 62 -20.40 5.61 7.70
CA ASN C 62 -19.39 6.56 7.24
C ASN C 62 -18.06 5.83 7.16
N TYR C 63 -17.21 6.24 6.21
CA TYR C 63 -15.87 5.68 6.15
C TYR C 63 -15.01 6.31 7.24
N LYS C 64 -14.20 5.49 7.92
CA LYS C 64 -13.39 6.00 9.02
C LYS C 64 -11.94 5.55 8.88
N VAL C 65 -11.04 6.49 8.64
CA VAL C 65 -9.61 6.22 8.55
C VAL C 65 -8.99 6.57 9.90
N GLN C 66 -8.09 5.71 10.40
CA GLN C 66 -7.51 5.95 11.71
C GLN C 66 -6.03 5.56 11.70
N VAL C 67 -5.20 6.50 12.17
CA VAL C 67 -3.74 6.35 12.19
C VAL C 67 -3.27 6.58 13.62
N LYS C 68 -2.47 5.66 14.14
CA LYS C 68 -1.91 5.78 15.49
C LYS C 68 -0.39 5.70 15.40
N ILE C 69 0.28 6.58 16.15
CA ILE C 69 1.72 6.61 16.24
C ILE C 69 2.09 6.46 17.71
N GLN C 70 2.98 5.52 18.00
CA GLN C 70 3.40 5.22 19.36
C GLN C 70 4.92 5.22 19.41
N ASN C 71 5.49 6.06 20.28
CA ASN C 71 6.94 6.20 20.40
C ASN C 71 7.35 6.01 21.85
N PRO C 72 7.95 4.87 22.22
CA PRO C 72 8.43 4.71 23.59
C PRO C 72 9.87 5.21 23.74
N THR C 73 10.20 5.59 24.97
CA THR C 73 11.54 6.06 25.30
C THR C 73 12.17 5.10 26.30
N ALA C 74 13.35 4.60 25.96
CA ALA C 74 14.06 3.65 26.82
C ALA C 74 15.01 4.37 27.76
N CYS C 75 15.36 3.68 28.84
CA CYS C 75 16.41 4.15 29.74
C CYS C 75 17.12 2.94 30.33
N THR C 76 18.44 2.99 30.38
CA THR C 76 19.18 1.95 31.07
C THR C 76 19.05 2.15 32.57
N ALA C 77 19.30 1.08 33.32
CA ALA C 77 19.09 1.09 34.75
C ALA C 77 20.30 0.55 35.49
N ASN C 78 20.45 0.99 36.73
CA ASN C 78 21.43 0.44 37.66
C ASN C 78 20.67 -0.43 38.66
N GLY C 79 20.70 -1.74 38.44
CA GLY C 79 19.85 -2.66 39.16
C GLY C 79 19.35 -3.74 38.21
N SER C 80 19.52 -3.49 36.91
CA SER C 80 19.16 -4.45 35.87
C SER C 80 20.03 -4.18 34.66
N CYS C 81 20.14 -5.17 33.78
CA CYS C 81 20.97 -5.04 32.59
C CYS C 81 20.17 -4.75 31.33
N ASP C 82 18.84 -4.85 31.38
CA ASP C 82 18.05 -4.56 30.21
C ASP C 82 17.28 -3.26 30.38
N PRO C 83 17.19 -2.44 29.34
CA PRO C 83 16.44 -1.19 29.45
C PRO C 83 14.94 -1.42 29.47
N SER C 84 14.23 -0.52 30.14
CA SER C 84 12.78 -0.58 30.27
C SER C 84 12.17 0.67 29.66
N VAL C 85 10.84 0.67 29.58
CA VAL C 85 10.09 1.77 29.00
C VAL C 85 9.73 2.75 30.11
N THR C 86 10.28 3.96 30.04
CA THR C 86 9.97 4.98 31.04
C THR C 86 8.64 5.66 30.72
N ARG C 87 8.48 6.10 29.48
CA ARG C 87 7.30 6.83 29.06
C ARG C 87 7.10 6.64 27.56
N GLN C 88 5.91 6.98 27.10
CA GLN C 88 5.53 6.83 25.70
C GLN C 88 4.81 8.07 25.23
N ALA C 89 5.01 8.41 23.96
CA ALA C 89 4.33 9.52 23.31
C ALA C 89 3.38 8.95 22.27
N TYR C 90 2.15 9.48 22.27
CA TYR C 90 1.10 8.96 21.42
C TYR C 90 0.63 10.01 20.43
N ALA C 91 0.03 9.54 19.34
CA ALA C 91 -0.65 10.39 18.39
C ALA C 91 -1.76 9.58 17.74
N ASP C 92 -2.93 10.19 17.58
CA ASP C 92 -4.12 9.49 17.10
C ASP C 92 -4.90 10.41 16.18
N VAL C 93 -4.98 10.04 14.91
CA VAL C 93 -5.66 10.83 13.89
C VAL C 93 -6.82 10.01 13.36
N THR C 94 -8.00 10.62 13.30
CA THR C 94 -9.19 9.95 12.77
C THR C 94 -9.88 10.86 11.76
N PHE C 95 -9.95 10.38 10.53
CA PHE C 95 -10.69 11.02 9.45
C PHE C 95 -12.04 10.32 9.32
N SER C 96 -13.10 11.11 9.16
CA SER C 96 -14.46 10.58 9.05
C SER C 96 -15.11 11.18 7.82
N PHE C 97 -15.28 10.38 6.76
CA PHE C 97 -15.84 10.87 5.51
C PHE C 97 -17.18 10.20 5.25
N THR C 98 -18.03 10.88 4.48
CA THR C 98 -19.37 10.39 4.23
C THR C 98 -19.38 9.48 3.00
N GLN C 99 -20.58 9.08 2.60
CA GLN C 99 -20.73 8.11 1.54
C GLN C 99 -20.84 8.77 0.17
N TYR C 100 -20.71 10.10 0.11
CA TYR C 100 -20.87 10.86 -1.12
C TYR C 100 -19.71 11.80 -1.39
N SER C 101 -18.60 11.66 -0.66
CA SER C 101 -17.49 12.58 -0.78
C SER C 101 -16.58 12.20 -1.94
N THR C 102 -16.20 13.22 -2.72
CA THR C 102 -15.22 13.04 -3.78
C THR C 102 -13.80 13.01 -3.21
N ASP C 103 -12.84 12.63 -4.04
CA ASP C 103 -11.45 12.51 -3.60
C ASP C 103 -10.74 13.85 -3.50
N GLU C 104 -11.26 14.90 -4.16
CA GLU C 104 -10.65 16.22 -4.04
C GLU C 104 -10.85 16.79 -2.64
N GLU C 105 -12.02 16.56 -2.05
CA GLU C 105 -12.31 17.01 -0.70
C GLU C 105 -11.42 16.29 0.32
N ARG C 106 -11.23 14.98 0.12
CA ARG C 106 -10.43 14.19 1.04
C ARG C 106 -8.96 14.55 0.93
N ALA C 107 -8.47 14.79 -0.29
CA ALA C 107 -7.10 15.26 -0.46
C ALA C 107 -6.92 16.67 0.09
N PHE C 108 -7.97 17.50 0.05
CA PHE C 108 -7.92 18.82 0.65
C PHE C 108 -7.80 18.72 2.16
N VAL C 109 -8.53 17.79 2.79
CA VAL C 109 -8.44 17.59 4.23
C VAL C 109 -7.06 17.07 4.63
N ARG C 110 -6.56 16.09 3.88
CA ARG C 110 -5.25 15.49 4.18
C ARG C 110 -4.12 16.51 4.04
N THR C 111 -4.09 17.25 2.92
CA THR C 111 -3.03 18.21 2.72
C THR C 111 -3.21 19.45 3.61
N GLU C 112 -4.45 19.77 4.00
CA GLU C 112 -4.66 20.83 4.97
C GLU C 112 -4.08 20.47 6.32
N LEU C 113 -4.27 19.23 6.77
CA LEU C 113 -3.67 18.80 8.03
C LEU C 113 -2.15 18.70 7.93
N ALA C 114 -1.64 18.20 6.81
CA ALA C 114 -0.20 18.05 6.64
C ALA C 114 0.51 19.39 6.52
N ALA C 115 -0.16 20.41 6.01
CA ALA C 115 0.43 21.75 5.99
C ALA C 115 0.13 22.54 7.25
N LEU C 116 -0.89 22.15 8.02
CA LEU C 116 -1.23 22.83 9.26
C LEU C 116 -0.42 22.32 10.44
N LEU C 117 0.17 21.13 10.32
CA LEU C 117 1.12 20.67 11.33
C LEU C 117 2.51 21.29 11.20
N ALA C 118 2.69 22.26 10.31
CA ALA C 118 3.94 23.01 10.20
C ALA C 118 3.75 24.50 10.45
N SER C 119 2.57 24.91 10.90
CA SER C 119 2.30 26.30 11.19
C SER C 119 3.02 26.72 12.47
N PRO C 120 3.30 28.02 12.66
CA PRO C 120 3.87 28.47 13.93
C PRO C 120 2.94 28.26 15.12
N LEU C 121 1.63 28.29 14.90
CA LEU C 121 0.66 28.01 15.95
C LEU C 121 0.80 26.57 16.45
N LEU C 122 0.94 25.62 15.53
CA LEU C 122 1.02 24.22 15.94
C LEU C 122 2.40 23.85 16.45
N ILE C 123 3.47 24.43 15.90
CA ILE C 123 4.80 24.14 16.44
C ILE C 123 5.09 24.92 17.71
N ASP C 124 4.23 25.87 18.08
CA ASP C 124 4.28 26.45 19.41
C ASP C 124 3.35 25.77 20.40
N ALA C 125 2.26 25.17 19.93
CA ALA C 125 1.32 24.51 20.84
C ALA C 125 1.70 23.06 21.12
N ILE C 126 2.43 22.41 20.22
CA ILE C 126 2.85 21.03 20.44
C ILE C 126 4.21 20.96 21.10
N ASP C 127 5.18 21.73 20.62
CA ASP C 127 6.54 21.65 21.13
C ASP C 127 6.66 22.31 22.50
N GLN C 128 6.24 23.57 22.61
CA GLN C 128 6.39 24.34 23.83
C GLN C 128 5.17 24.31 24.72
N LEU C 129 4.06 23.75 24.24
CA LEU C 129 2.80 23.56 24.98
C LEU C 129 2.22 24.89 25.46
N ASN C 130 2.28 25.90 24.62
CA ASN C 130 1.64 27.16 24.97
C ASN C 130 0.24 27.20 24.37
N PRO C 131 -0.77 27.55 25.15
CA PRO C 131 -2.11 27.71 24.58
C PRO C 131 -2.16 28.90 23.63
N ALA C 132 -3.08 28.83 22.67
CA ALA C 132 -3.21 29.89 21.69
C ALA C 132 -3.83 31.12 22.34
N ALA D 2 1.02 30.29 20.89
CA ALA D 2 1.36 31.70 20.69
C ALA D 2 0.09 32.52 20.47
N LYS D 3 0.28 33.72 19.94
CA LYS D 3 -0.83 34.62 19.64
C LYS D 3 -1.59 34.09 18.42
N LEU D 4 -2.92 34.21 18.46
CA LEU D 4 -3.74 33.86 17.30
C LEU D 4 -3.51 34.85 16.18
N GLU D 5 -3.43 34.34 14.96
CA GLU D 5 -3.15 35.15 13.79
C GLU D 5 -3.71 34.45 12.57
N THR D 6 -3.75 35.17 11.45
CA THR D 6 -4.31 34.64 10.22
C THR D 6 -3.34 33.62 9.63
N VAL D 7 -3.72 32.34 9.69
CA VAL D 7 -2.88 31.27 9.17
C VAL D 7 -3.24 31.07 7.70
N THR D 8 -2.30 31.39 6.81
CA THR D 8 -2.54 31.29 5.38
C THR D 8 -1.76 30.09 4.83
N LEU D 9 -2.39 28.92 4.87
CA LEU D 9 -1.77 27.69 4.45
C LEU D 9 -1.75 27.62 2.92
N GLY D 10 -0.61 27.20 2.37
CA GLY D 10 -0.45 27.14 0.94
C GLY D 10 -0.13 25.76 0.41
N ASN D 11 -0.29 25.57 -0.90
CA ASN D 11 -0.04 24.32 -1.62
C ASN D 11 -0.86 23.17 -1.05
N ILE D 12 -2.17 23.32 -1.13
CA ILE D 12 -3.14 22.37 -0.61
C ILE D 12 -3.93 21.79 -1.79
N GLY D 13 -4.24 20.50 -1.72
CA GLY D 13 -5.19 19.92 -2.63
C GLY D 13 -4.65 18.68 -3.31
N LYS D 14 -5.48 18.14 -4.20
CA LYS D 14 -5.09 16.96 -4.97
C LYS D 14 -3.96 17.29 -5.95
N ASP D 15 -3.99 18.49 -6.53
CA ASP D 15 -2.93 18.94 -7.42
C ASP D 15 -1.82 19.68 -6.70
N GLY D 16 -2.16 20.45 -5.66
CA GLY D 16 -1.18 21.18 -4.90
C GLY D 16 -1.07 22.65 -5.23
N LYS D 17 -2.18 23.32 -5.56
CA LYS D 17 -2.15 24.73 -5.92
C LYS D 17 -3.13 25.59 -5.14
N GLN D 18 -4.05 25.00 -4.40
CA GLN D 18 -5.04 25.80 -3.67
C GLN D 18 -4.46 26.30 -2.35
N THR D 19 -4.94 27.46 -1.92
CA THR D 19 -4.54 28.04 -0.65
C THR D 19 -5.78 28.21 0.23
N LEU D 20 -5.54 28.28 1.54
CA LEU D 20 -6.61 28.43 2.51
C LEU D 20 -6.17 29.42 3.57
N VAL D 21 -6.85 30.55 3.66
CA VAL D 21 -6.55 31.57 4.65
C VAL D 21 -7.58 31.46 5.78
N LEU D 22 -7.10 31.37 7.01
CA LEU D 22 -7.94 31.20 8.18
C LEU D 22 -7.75 32.39 9.10
N ASN D 23 -8.85 33.04 9.45
CA ASN D 23 -8.89 34.17 10.38
C ASN D 23 -9.25 33.67 11.77
N PRO D 24 -8.61 34.21 12.81
CA PRO D 24 -8.93 33.79 14.17
C PRO D 24 -10.25 34.37 14.63
N ARG D 25 -10.96 33.60 15.45
CA ARG D 25 -12.26 34.02 15.99
C ARG D 25 -12.33 33.77 17.48
N GLY D 26 -11.28 34.17 18.21
CA GLY D 26 -11.30 34.16 19.65
C GLY D 26 -11.09 32.79 20.26
N VAL D 27 -11.04 32.78 21.59
CA VAL D 27 -10.85 31.58 22.38
C VAL D 27 -12.07 31.41 23.27
N ASN D 28 -12.69 30.23 23.20
CA ASN D 28 -13.87 29.93 24.01
C ASN D 28 -13.48 29.83 25.47
N PRO D 29 -14.05 30.67 26.36
CA PRO D 29 -13.63 30.63 27.77
C PRO D 29 -14.15 29.44 28.54
N THR D 30 -15.18 28.76 28.04
CA THR D 30 -15.77 27.64 28.79
C THR D 30 -14.87 26.42 28.78
N ASN D 31 -14.16 26.18 27.68
CA ASN D 31 -13.33 24.98 27.58
C ASN D 31 -11.94 25.23 27.01
N GLY D 32 -11.57 26.47 26.72
CA GLY D 32 -10.22 26.78 26.26
C GLY D 32 -9.90 26.30 24.86
N VAL D 33 -10.84 26.45 23.93
CA VAL D 33 -10.71 25.95 22.58
C VAL D 33 -10.61 27.15 21.64
N ALA D 34 -9.44 27.33 21.02
CA ALA D 34 -9.26 28.41 20.06
C ALA D 34 -9.78 28.00 18.69
N SER D 35 -10.41 28.94 18.00
CA SER D 35 -11.06 28.67 16.72
C SER D 35 -10.50 29.55 15.63
N LEU D 36 -10.46 29.01 14.42
CA LEU D 36 -10.10 29.75 13.21
C LEU D 36 -11.04 29.32 12.10
N SER D 37 -11.35 30.22 11.18
CA SER D 37 -12.25 29.84 10.10
C SER D 37 -11.92 30.60 8.83
N GLN D 38 -12.41 30.08 7.71
CA GLN D 38 -12.24 30.74 6.42
C GLN D 38 -13.18 31.93 6.32
N ALA D 39 -12.70 33.01 5.71
CA ALA D 39 -13.52 34.19 5.51
C ALA D 39 -14.46 34.01 4.32
N GLY D 40 -15.49 33.18 4.49
CA GLY D 40 -16.44 32.91 3.45
C GLY D 40 -17.74 33.68 3.64
N ALA D 41 -17.84 34.36 4.79
CA ALA D 41 -18.89 35.31 5.16
C ALA D 41 -20.27 34.66 5.33
N VAL D 42 -20.37 33.34 5.24
CA VAL D 42 -21.61 32.63 5.52
C VAL D 42 -21.37 31.74 6.73
N PRO D 43 -22.06 31.96 7.85
CA PRO D 43 -21.75 31.24 9.10
C PRO D 43 -21.96 29.73 9.11
N ALA D 44 -22.51 29.13 8.06
CA ALA D 44 -22.65 27.69 8.01
C ALA D 44 -21.74 27.04 6.99
N LEU D 45 -21.09 27.84 6.15
CA LEU D 45 -20.31 27.33 5.03
C LEU D 45 -18.83 27.63 5.22
N GLU D 46 -18.38 27.69 6.48
CA GLU D 46 -17.00 28.03 6.80
C GLU D 46 -16.20 26.78 7.12
N LYS D 47 -15.04 26.67 6.48
CA LYS D 47 -14.07 25.64 6.84
C LYS D 47 -13.36 26.10 8.11
N ARG D 48 -13.44 25.30 9.17
CA ARG D 48 -12.97 25.76 10.47
C ARG D 48 -12.02 24.76 11.10
N VAL D 49 -11.12 25.29 11.94
CA VAL D 49 -10.07 24.54 12.63
C VAL D 49 -10.06 24.99 14.09
N THR D 50 -10.21 24.04 15.00
CA THR D 50 -10.21 24.34 16.43
C THR D 50 -9.06 23.60 17.11
N VAL D 51 -8.23 24.33 17.84
CA VAL D 51 -7.06 23.76 18.51
C VAL D 51 -7.15 24.07 20.01
N SER D 52 -6.81 23.09 20.83
CA SER D 52 -6.88 23.27 22.29
C SER D 52 -5.89 22.34 22.98
N VAL D 53 -5.12 22.90 23.90
CA VAL D 53 -4.23 22.11 24.76
C VAL D 53 -4.85 22.04 26.15
N SER D 54 -4.71 20.87 26.79
CA SER D 54 -5.37 20.58 28.05
C SER D 54 -4.33 20.23 29.10
N GLN D 55 -4.36 20.99 30.20
CA GLN D 55 -3.59 20.87 31.44
C GLN D 55 -3.91 19.56 32.16
N PRO D 56 -3.10 19.11 33.11
CA PRO D 56 -3.43 17.86 33.79
C PRO D 56 -4.42 18.11 34.92
N SER D 57 -5.23 17.10 35.19
CA SER D 57 -6.23 17.14 36.25
C SER D 57 -5.96 16.00 37.21
N ARG D 58 -6.89 15.77 38.14
CA ARG D 58 -6.81 14.62 39.03
C ARG D 58 -7.34 13.36 38.38
N ASN D 59 -7.67 13.39 37.10
CA ASN D 59 -8.23 12.25 36.40
C ASN D 59 -7.48 11.89 35.11
N ARG D 60 -6.58 12.75 34.65
CA ARG D 60 -5.85 12.50 33.40
C ARG D 60 -4.34 12.45 33.58
N LYS D 61 -3.78 13.37 34.37
CA LYS D 61 -2.33 13.54 34.68
C LYS D 61 -1.41 13.48 33.46
N ASN D 62 -1.91 13.93 32.30
CA ASN D 62 -1.14 13.98 31.06
C ASN D 62 -1.56 15.22 30.28
N TYR D 63 -0.61 15.80 29.53
CA TYR D 63 -0.98 16.91 28.66
C TYR D 63 -1.67 16.36 27.42
N LYS D 64 -2.74 17.04 26.98
CA LYS D 64 -3.51 16.55 25.84
C LYS D 64 -3.75 17.67 24.83
N VAL D 65 -3.14 17.56 23.67
CA VAL D 65 -3.34 18.52 22.58
C VAL D 65 -4.37 17.95 21.62
N GLN D 66 -5.31 18.76 21.17
CA GLN D 66 -6.38 18.26 20.31
C GLN D 66 -6.70 19.28 19.23
N VAL D 67 -6.71 18.82 17.98
CA VAL D 67 -6.94 19.64 16.79
C VAL D 67 -8.09 19.02 16.01
N LYS D 68 -9.09 19.84 15.66
CA LYS D 68 -10.22 19.40 14.87
C LYS D 68 -10.32 20.26 13.61
N ILE D 69 -10.58 19.61 12.49
CA ILE D 69 -10.78 20.26 11.20
C ILE D 69 -12.16 19.85 10.69
N GLN D 70 -12.97 20.84 10.32
CA GLN D 70 -14.33 20.61 9.84
C GLN D 70 -14.51 21.36 8.52
N ASN D 71 -14.88 20.63 7.48
CA ASN D 71 -15.04 21.20 6.14
C ASN D 71 -16.42 20.85 5.61
N PRO D 72 -17.37 21.78 5.56
CA PRO D 72 -18.67 21.50 4.97
C PRO D 72 -18.68 21.79 3.47
N THR D 73 -19.58 21.09 2.77
CA THR D 73 -19.75 21.27 1.33
C THR D 73 -21.14 21.80 1.06
N ALA D 74 -21.22 22.92 0.35
CA ALA D 74 -22.50 23.54 0.04
C ALA D 74 -23.03 23.06 -1.30
N CYS D 75 -24.34 23.21 -1.48
CA CYS D 75 -24.97 22.97 -2.78
C CYS D 75 -26.15 23.92 -2.91
N THR D 76 -26.28 24.53 -4.08
CA THR D 76 -27.48 25.31 -4.35
C THR D 76 -28.66 24.39 -4.63
N ALA D 77 -29.86 24.93 -4.47
CA ALA D 77 -31.07 24.13 -4.56
C ALA D 77 -32.08 24.77 -5.48
N ASN D 78 -32.94 23.94 -6.06
CA ASN D 78 -34.10 24.38 -6.81
C ASN D 78 -35.32 24.14 -5.92
N GLY D 79 -35.80 25.22 -5.30
CA GLY D 79 -36.80 25.11 -4.25
C GLY D 79 -36.49 26.08 -3.14
N SER D 80 -35.27 26.61 -3.16
CA SER D 80 -34.83 27.61 -2.19
C SER D 80 -33.73 28.44 -2.85
N CYS D 81 -33.49 29.63 -2.30
CA CYS D 81 -32.48 30.52 -2.85
C CYS D 81 -31.18 30.52 -2.06
N ASP D 82 -31.16 29.89 -0.89
CA ASP D 82 -29.92 29.85 -0.12
C ASP D 82 -29.35 28.44 -0.11
N PRO D 83 -28.03 28.30 -0.23
CA PRO D 83 -27.42 26.97 -0.21
C PRO D 83 -27.42 26.38 1.19
N SER D 84 -27.47 25.05 1.25
CA SER D 84 -27.47 24.31 2.50
C SER D 84 -26.27 23.37 2.54
N VAL D 85 -26.08 22.76 3.70
CA VAL D 85 -24.95 21.86 3.92
C VAL D 85 -25.37 20.44 3.57
N THR D 86 -24.76 19.89 2.53
CA THR D 86 -25.07 18.51 2.12
C THR D 86 -24.32 17.51 2.99
N ARG D 87 -23.02 17.70 3.15
CA ARG D 87 -22.19 16.79 3.91
C ARG D 87 -20.98 17.54 4.44
N GLN D 88 -20.30 16.91 5.40
CA GLN D 88 -19.15 17.50 6.06
C GLN D 88 -18.05 16.47 6.17
N ALA D 89 -16.80 16.94 6.07
CA ALA D 89 -15.62 16.12 6.25
C ALA D 89 -14.92 16.53 7.54
N TYR D 90 -14.55 15.54 8.34
CA TYR D 90 -13.99 15.78 9.66
C TYR D 90 -12.56 15.26 9.74
N ALA D 91 -11.81 15.83 10.69
CA ALA D 91 -10.50 15.32 11.05
C ALA D 91 -10.26 15.66 12.51
N ASP D 92 -9.70 14.71 13.25
CA ASP D 92 -9.54 14.83 14.69
C ASP D 92 -8.20 14.22 15.10
N VAL D 93 -7.29 15.06 15.59
CA VAL D 93 -5.95 14.65 15.98
C VAL D 93 -5.81 14.90 17.47
N THR D 94 -5.35 13.89 18.21
CA THR D 94 -5.11 14.03 19.64
C THR D 94 -3.73 13.52 20.00
N PHE D 95 -2.89 14.41 20.51
CA PHE D 95 -1.58 14.08 21.05
C PHE D 95 -1.70 13.97 22.57
N SER D 96 -1.06 12.95 23.13
CA SER D 96 -1.11 12.71 24.57
C SER D 96 0.31 12.53 25.08
N PHE D 97 0.81 13.53 25.80
CA PHE D 97 2.18 13.49 26.29
C PHE D 97 2.20 13.41 27.81
N THR D 98 3.29 12.88 28.35
CA THR D 98 3.38 12.68 29.78
C THR D 98 3.97 13.91 30.46
N GLN D 99 4.23 13.78 31.76
CA GLN D 99 4.66 14.92 32.56
C GLN D 99 6.18 15.03 32.58
N TYR D 100 6.89 14.17 31.86
CA TYR D 100 8.34 14.13 31.87
C TYR D 100 8.94 14.18 30.46
N SER D 101 8.14 14.49 29.45
CA SER D 101 8.61 14.44 28.07
C SER D 101 9.33 15.72 27.69
N THR D 102 10.47 15.56 27.02
CA THR D 102 11.20 16.69 26.46
C THR D 102 10.57 17.14 25.15
N ASP D 103 11.00 18.31 24.66
CA ASP D 103 10.44 18.87 23.45
C ASP D 103 10.96 18.22 22.17
N GLU D 104 12.11 17.53 22.25
CA GLU D 104 12.61 16.82 21.07
C GLU D 104 11.72 15.64 20.71
N GLU D 105 11.21 14.94 21.72
CA GLU D 105 10.30 13.82 21.49
C GLU D 105 8.98 14.29 20.89
N ARG D 106 8.48 15.43 21.38
CA ARG D 106 7.21 15.96 20.90
C ARG D 106 7.35 16.50 19.48
N ALA D 107 8.47 17.15 19.17
CA ALA D 107 8.74 17.58 17.81
C ALA D 107 8.95 16.39 16.88
N PHE D 108 9.51 15.29 17.40
CA PHE D 108 9.65 14.08 16.61
C PHE D 108 8.29 13.49 16.27
N VAL D 109 7.36 13.49 17.22
CA VAL D 109 6.01 12.98 16.97
C VAL D 109 5.28 13.86 15.96
N ARG D 110 5.37 15.19 16.13
CA ARG D 110 4.69 16.13 15.24
C ARG D 110 5.22 16.04 13.80
N THR D 111 6.55 16.05 13.64
CA THR D 111 7.12 15.98 12.30
C THR D 111 7.00 14.58 11.71
N GLU D 112 6.93 13.54 12.54
CA GLU D 112 6.66 12.20 12.04
C GLU D 112 5.26 12.11 11.45
N LEU D 113 4.27 12.70 12.13
CA LEU D 113 2.92 12.70 11.59
C LEU D 113 2.80 13.59 10.35
N ALA D 114 3.48 14.74 10.36
CA ALA D 114 3.40 15.66 9.22
C ALA D 114 4.12 15.10 7.99
N ALA D 115 5.14 14.27 8.18
CA ALA D 115 5.78 13.62 7.05
C ALA D 115 5.13 12.29 6.69
N LEU D 116 4.37 11.70 7.60
CA LEU D 116 3.68 10.45 7.34
C LEU D 116 2.33 10.65 6.66
N LEU D 117 1.78 11.86 6.74
CA LEU D 117 0.58 12.20 5.95
C LEU D 117 0.88 12.50 4.49
N ALA D 118 2.13 12.33 4.03
CA ALA D 118 2.48 12.47 2.63
C ALA D 118 3.04 11.18 2.04
N SER D 119 2.97 10.07 2.77
CA SER D 119 3.45 8.79 2.28
C SER D 119 2.49 8.25 1.23
N PRO D 120 2.96 7.37 0.35
CA PRO D 120 2.04 6.71 -0.61
C PRO D 120 1.00 5.84 0.07
N LEU D 121 1.33 5.26 1.22
CA LEU D 121 0.37 4.48 1.99
C LEU D 121 -0.79 5.33 2.45
N LEU D 122 -0.50 6.53 2.98
CA LEU D 122 -1.57 7.38 3.49
C LEU D 122 -2.32 8.10 2.38
N ILE D 123 -1.65 8.48 1.28
CA ILE D 123 -2.39 9.10 0.18
C ILE D 123 -3.11 8.07 -0.67
N ASP D 124 -2.87 6.78 -0.45
CA ASP D 124 -3.71 5.75 -1.03
C ASP D 124 -4.82 5.31 -0.10
N ALA D 125 -4.63 5.41 1.22
CA ALA D 125 -5.65 4.98 2.17
C ALA D 125 -6.65 6.09 2.48
N ILE D 126 -6.28 7.35 2.33
CA ILE D 126 -7.21 8.44 2.59
C ILE D 126 -7.94 8.87 1.33
N ASP D 127 -7.22 9.03 0.22
CA ASP D 127 -7.83 9.53 -1.00
C ASP D 127 -8.68 8.46 -1.69
N GLN D 128 -8.09 7.29 -1.93
CA GLN D 128 -8.76 6.23 -2.67
C GLN D 128 -9.43 5.20 -1.78
N LEU D 129 -9.20 5.29 -0.46
CA LEU D 129 -9.82 4.43 0.57
C LEU D 129 -9.51 2.95 0.35
N ASN D 130 -8.28 2.66 -0.02
CA ASN D 130 -7.89 1.27 -0.15
C ASN D 130 -7.21 0.82 1.14
N PRO D 131 -7.61 -0.33 1.70
CA PRO D 131 -6.91 -0.84 2.89
C PRO D 131 -5.50 -1.26 2.54
N ALA D 132 -4.63 -1.22 3.55
CA ALA D 132 -3.23 -1.58 3.34
C ALA D 132 -3.11 -3.08 3.17
N TYR D 133 -2.85 -3.50 1.94
CA TYR D 133 -2.80 -4.93 1.60
C TYR D 133 -1.95 -5.15 0.35
N ALA E 2 -6.74 -17.13 -7.53
CA ALA E 2 -5.45 -16.63 -7.97
C ALA E 2 -5.20 -15.22 -7.46
N LYS E 3 -4.25 -14.53 -8.07
CA LYS E 3 -3.94 -13.16 -7.72
C LYS E 3 -5.03 -12.23 -8.22
N LEU E 4 -5.38 -11.23 -7.41
CA LEU E 4 -6.33 -10.22 -7.84
C LEU E 4 -5.73 -9.36 -8.95
N GLU E 5 -6.54 -9.05 -9.96
CA GLU E 5 -6.08 -8.30 -11.11
C GLU E 5 -7.29 -7.60 -11.73
N THR E 6 -7.02 -6.68 -12.65
CA THR E 6 -8.07 -5.90 -13.29
C THR E 6 -8.82 -6.78 -14.26
N VAL E 7 -10.06 -7.13 -13.93
CA VAL E 7 -10.88 -7.99 -14.77
C VAL E 7 -11.63 -7.08 -15.74
N THR E 8 -11.31 -7.18 -17.02
CA THR E 8 -11.94 -6.34 -18.04
C THR E 8 -12.91 -7.18 -18.88
N LEU E 9 -14.14 -7.29 -18.38
CA LEU E 9 -15.15 -8.10 -19.04
C LEU E 9 -15.69 -7.40 -20.27
N GLY E 10 -15.84 -8.14 -21.35
CA GLY E 10 -16.29 -7.56 -22.61
C GLY E 10 -17.56 -8.19 -23.14
N ASN E 11 -18.19 -7.49 -24.09
CA ASN E 11 -19.44 -7.90 -24.75
C ASN E 11 -20.57 -8.12 -23.74
N ILE E 12 -20.91 -7.04 -23.05
CA ILE E 12 -21.92 -7.03 -22.00
C ILE E 12 -23.07 -6.13 -22.46
N GLY E 13 -24.29 -6.53 -22.15
CA GLY E 13 -25.43 -5.65 -22.29
C GLY E 13 -26.55 -6.28 -23.08
N LYS E 14 -27.60 -5.48 -23.29
CA LYS E 14 -28.75 -5.92 -24.08
C LYS E 14 -28.37 -6.11 -25.54
N ASP E 15 -27.51 -5.24 -26.06
CA ASP E 15 -27.02 -5.37 -27.43
C ASP E 15 -25.76 -6.20 -27.54
N GLY E 16 -24.88 -6.11 -26.55
CA GLY E 16 -23.64 -6.87 -26.55
C GLY E 16 -22.40 -6.11 -26.97
N LYS E 17 -22.30 -4.83 -26.62
CA LYS E 17 -21.15 -4.02 -27.02
C LYS E 17 -20.47 -3.30 -25.87
N GLN E 18 -21.08 -3.26 -24.69
CA GLN E 18 -20.51 -2.53 -23.57
C GLN E 18 -19.44 -3.38 -22.88
N THR E 19 -18.45 -2.71 -22.31
CA THR E 19 -17.39 -3.35 -21.55
C THR E 19 -17.39 -2.82 -20.13
N LEU E 20 -16.83 -3.61 -19.22
CA LEU E 20 -16.77 -3.23 -17.81
C LEU E 20 -15.41 -3.63 -17.26
N VAL E 21 -14.61 -2.65 -16.86
CA VAL E 21 -13.29 -2.89 -16.30
C VAL E 21 -13.40 -2.75 -14.78
N LEU E 22 -12.92 -3.77 -14.06
CA LEU E 22 -13.00 -3.81 -12.60
C LEU E 22 -11.59 -3.86 -12.04
N ASN E 23 -11.27 -2.92 -11.16
CA ASN E 23 -10.01 -2.83 -10.45
C ASN E 23 -10.13 -3.50 -9.09
N PRO E 24 -9.11 -4.23 -8.66
CA PRO E 24 -9.17 -4.88 -7.34
C PRO E 24 -8.95 -3.86 -6.22
N ARG E 25 -9.63 -4.09 -5.11
CA ARG E 25 -9.53 -3.22 -3.94
C ARG E 25 -9.31 -4.03 -2.67
N GLY E 26 -8.37 -4.98 -2.72
CA GLY E 26 -7.93 -5.68 -1.54
C GLY E 26 -8.88 -6.77 -1.09
N VAL E 27 -8.45 -7.48 -0.05
CA VAL E 27 -9.20 -8.58 0.56
C VAL E 27 -9.50 -8.20 2.00
N ASN E 28 -10.78 -8.26 2.38
CA ASN E 28 -11.20 -7.92 3.73
C ASN E 28 -10.68 -8.98 4.70
N PRO E 29 -9.87 -8.62 5.70
CA PRO E 29 -9.31 -9.64 6.60
C PRO E 29 -10.31 -10.20 7.59
N THR E 30 -11.42 -9.51 7.83
CA THR E 30 -12.37 -9.95 8.85
C THR E 30 -13.15 -11.18 8.38
N ASN E 31 -13.48 -11.27 7.10
CA ASN E 31 -14.27 -12.38 6.59
C ASN E 31 -13.75 -13.00 5.31
N GLY E 32 -12.62 -12.56 4.78
CA GLY E 32 -12.03 -13.19 3.60
C GLY E 32 -12.78 -12.93 2.31
N VAL E 33 -13.25 -11.71 2.11
CA VAL E 33 -14.08 -11.37 0.95
C VAL E 33 -13.27 -10.42 0.07
N ALA E 34 -12.92 -10.88 -1.12
CA ALA E 34 -12.19 -10.04 -2.07
C ALA E 34 -13.16 -9.17 -2.84
N SER E 35 -12.77 -7.92 -3.08
CA SER E 35 -13.63 -6.94 -3.72
C SER E 35 -12.99 -6.41 -5.00
N LEU E 36 -13.84 -6.07 -5.97
CA LEU E 36 -13.44 -5.40 -7.19
C LEU E 36 -14.50 -4.36 -7.51
N SER E 37 -14.10 -3.25 -8.13
CA SER E 37 -15.08 -2.22 -8.45
C SER E 37 -14.69 -1.48 -9.72
N GLN E 38 -15.67 -0.81 -10.30
CA GLN E 38 -15.43 0.01 -11.48
C GLN E 38 -14.73 1.31 -11.09
N ALA E 39 -13.79 1.75 -11.92
CA ALA E 39 -13.10 3.01 -11.68
C ALA E 39 -13.96 4.20 -12.08
N GLY E 40 -14.98 4.49 -11.29
CA GLY E 40 -15.88 5.60 -11.56
C GLY E 40 -15.59 6.79 -10.69
N ALA E 41 -14.66 6.60 -9.74
CA ALA E 41 -14.07 7.63 -8.88
C ALA E 41 -15.06 8.26 -7.90
N VAL E 42 -16.29 7.77 -7.84
CA VAL E 42 -17.26 8.22 -6.84
C VAL E 42 -17.59 7.02 -5.95
N PRO E 43 -17.27 7.08 -4.65
CA PRO E 43 -17.42 5.90 -3.78
C PRO E 43 -18.82 5.34 -3.57
N ALA E 44 -19.87 5.99 -4.05
CA ALA E 44 -21.21 5.45 -3.92
C ALA E 44 -21.79 5.01 -5.25
N LEU E 45 -21.13 5.32 -6.36
CA LEU E 45 -21.66 5.05 -7.69
C LEU E 45 -20.83 4.01 -8.42
N GLU E 46 -20.23 3.09 -7.67
CA GLU E 46 -19.35 2.07 -8.23
C GLU E 46 -20.08 0.75 -8.36
N LYS E 47 -19.97 0.16 -9.55
CA LYS E 47 -20.43 -1.21 -9.77
C LYS E 47 -19.39 -2.15 -9.19
N ARG E 48 -19.80 -2.99 -8.24
CA ARG E 48 -18.82 -3.77 -7.49
C ARG E 48 -19.17 -5.25 -7.48
N VAL E 49 -18.14 -6.07 -7.36
CA VAL E 49 -18.23 -7.52 -7.38
C VAL E 49 -17.37 -8.06 -6.24
N THR E 50 -17.98 -8.84 -5.34
CA THR E 50 -17.26 -9.42 -4.21
C THR E 50 -17.31 -10.93 -4.28
N VAL E 51 -16.15 -11.58 -4.23
CA VAL E 51 -16.04 -13.03 -4.33
C VAL E 51 -15.33 -13.56 -3.09
N SER E 52 -15.82 -14.68 -2.56
CA SER E 52 -15.23 -15.27 -1.36
C SER E 52 -15.49 -16.77 -1.32
N VAL E 53 -14.44 -17.54 -1.05
CA VAL E 53 -14.57 -18.98 -0.84
C VAL E 53 -14.42 -19.26 0.65
N SER E 54 -15.20 -20.21 1.14
CA SER E 54 -15.28 -20.50 2.57
C SER E 54 -14.91 -21.94 2.83
N GLN E 55 -13.90 -22.12 3.70
CA GLN E 55 -13.35 -23.35 4.26
C GLN E 55 -14.40 -24.07 5.10
N PRO E 56 -14.22 -25.36 5.41
CA PRO E 56 -15.22 -26.03 6.26
C PRO E 56 -14.99 -25.75 7.73
N SER E 57 -16.08 -25.75 8.47
CA SER E 57 -16.06 -25.53 9.91
C SER E 57 -16.67 -26.74 10.60
N ARG E 58 -16.90 -26.62 11.91
CA ARG E 58 -17.61 -27.65 12.64
C ARG E 58 -19.12 -27.52 12.51
N ASN E 59 -19.60 -26.62 11.66
CA ASN E 59 -21.03 -26.39 11.49
C ASN E 59 -21.49 -26.46 10.04
N ARG E 60 -20.56 -26.51 9.08
CA ARG E 60 -20.93 -26.53 7.66
C ARG E 60 -20.39 -27.74 6.92
N LYS E 61 -19.13 -28.14 7.19
CA LYS E 61 -18.39 -29.27 6.58
C LYS E 61 -18.51 -29.36 5.05
N ASN E 62 -18.64 -28.22 4.38
CA ASN E 62 -18.72 -28.14 2.92
C ASN E 62 -18.02 -26.88 2.47
N TYR E 63 -17.42 -26.93 1.28
CA TYR E 63 -16.83 -25.71 0.71
C TYR E 63 -17.94 -24.83 0.15
N LYS E 64 -17.85 -23.53 0.39
CA LYS E 64 -18.90 -22.62 -0.06
C LYS E 64 -18.30 -21.43 -0.80
N VAL E 65 -18.57 -21.34 -2.10
CA VAL E 65 -18.13 -20.20 -2.91
C VAL E 65 -19.29 -19.24 -3.04
N GLN E 66 -19.03 -17.94 -2.91
CA GLN E 66 -20.10 -16.96 -2.96
C GLN E 66 -19.65 -15.72 -3.71
N VAL E 67 -20.46 -15.30 -4.68
CA VAL E 67 -20.19 -14.17 -5.55
C VAL E 67 -21.37 -13.21 -5.47
N LYS E 68 -21.09 -11.93 -5.22
CA LYS E 68 -22.13 -10.91 -5.17
C LYS E 68 -21.80 -9.81 -6.18
N ILE E 69 -22.82 -9.36 -6.89
CA ILE E 69 -22.71 -8.27 -7.85
C ILE E 69 -23.69 -7.20 -7.44
N GLN E 70 -23.22 -5.95 -7.32
CA GLN E 70 -24.04 -4.83 -6.90
C GLN E 70 -23.86 -3.70 -7.90
N ASN E 71 -24.96 -3.24 -8.49
CA ASN E 71 -24.93 -2.19 -9.50
C ASN E 71 -25.88 -1.08 -9.11
N PRO E 72 -25.39 0.07 -8.65
CA PRO E 72 -26.28 1.19 -8.35
C PRO E 72 -26.49 2.08 -9.57
N THR E 73 -27.64 2.76 -9.57
CA THR E 73 -27.98 3.69 -10.65
C THR E 73 -28.08 5.09 -10.08
N ALA E 74 -27.34 6.02 -10.67
CA ALA E 74 -27.32 7.40 -10.21
C ALA E 74 -28.36 8.24 -10.95
N CYS E 75 -28.73 9.36 -10.35
CA CYS E 75 -29.56 10.36 -11.00
C CYS E 75 -29.18 11.73 -10.48
N THR E 76 -29.05 12.69 -11.39
CA THR E 76 -28.84 14.07 -10.95
C THR E 76 -30.16 14.64 -10.43
N ALA E 77 -30.04 15.69 -9.63
CA ALA E 77 -31.20 16.25 -8.95
C ALA E 77 -31.26 17.76 -9.14
N ASN E 78 -32.48 18.28 -9.05
CA ASN E 78 -32.71 19.72 -9.01
C ASN E 78 -33.07 20.07 -7.56
N GLY E 79 -32.09 20.60 -6.84
CA GLY E 79 -32.20 20.77 -5.41
C GLY E 79 -30.88 20.43 -4.74
N SER E 80 -30.00 19.79 -5.50
CA SER E 80 -28.66 19.44 -5.04
C SER E 80 -27.76 19.34 -6.26
N CYS E 81 -26.45 19.45 -6.03
CA CYS E 81 -25.48 19.40 -7.12
C CYS E 81 -24.79 18.04 -7.24
N ASP E 82 -24.98 17.15 -6.27
CA ASP E 82 -24.35 15.85 -6.37
C ASP E 82 -25.39 14.76 -6.61
N PRO E 83 -25.10 13.79 -7.47
CA PRO E 83 -26.07 12.72 -7.73
C PRO E 83 -26.15 11.75 -6.57
N SER E 84 -27.33 11.15 -6.42
CA SER E 84 -27.59 10.19 -5.36
C SER E 84 -27.99 8.84 -5.97
N VAL E 85 -28.11 7.84 -5.11
CA VAL E 85 -28.44 6.49 -5.54
C VAL E 85 -29.96 6.33 -5.50
N THR E 86 -30.57 6.13 -6.66
CA THR E 86 -32.00 5.93 -6.73
C THR E 86 -32.38 4.49 -6.40
N ARG E 87 -31.69 3.54 -7.04
CA ARG E 87 -31.99 2.13 -6.86
C ARG E 87 -30.74 1.33 -7.18
N GLN E 88 -30.77 0.07 -6.77
CA GLN E 88 -29.64 -0.84 -6.95
C GLN E 88 -30.14 -2.19 -7.45
N ALA E 89 -29.33 -2.83 -8.28
CA ALA E 89 -29.60 -4.17 -8.78
C ALA E 89 -28.59 -5.14 -8.17
N TYR E 90 -29.08 -6.26 -7.68
CA TYR E 90 -28.26 -7.22 -6.96
C TYR E 90 -28.20 -8.55 -7.70
N ALA E 91 -27.15 -9.30 -7.40
CA ALA E 91 -27.03 -10.68 -7.86
C ALA E 91 -26.20 -11.43 -6.83
N ASP E 92 -26.61 -12.65 -6.51
CA ASP E 92 -25.99 -13.43 -5.44
C ASP E 92 -25.95 -14.89 -5.86
N VAL E 93 -24.74 -15.42 -6.05
CA VAL E 93 -24.52 -16.79 -6.49
C VAL E 93 -23.79 -17.52 -5.38
N THR E 94 -24.28 -18.69 -5.00
CA THR E 94 -23.62 -19.50 -3.99
C THR E 94 -23.49 -20.95 -4.48
N PHE E 95 -22.25 -21.40 -4.60
CA PHE E 95 -21.93 -22.78 -4.90
C PHE E 95 -21.59 -23.51 -3.61
N SER E 96 -22.09 -24.73 -3.46
CA SER E 96 -21.88 -25.52 -2.26
C SER E 96 -21.38 -26.90 -2.68
N PHE E 97 -20.10 -27.16 -2.46
CA PHE E 97 -19.51 -28.43 -2.85
C PHE E 97 -19.10 -29.23 -1.63
N THR E 98 -19.03 -30.55 -1.80
CA THR E 98 -18.73 -31.42 -0.68
C THR E 98 -17.22 -31.62 -0.54
N GLN E 99 -16.84 -32.52 0.36
CA GLN E 99 -15.44 -32.71 0.69
C GLN E 99 -14.80 -33.78 -0.19
N TYR E 100 -15.55 -34.34 -1.14
CA TYR E 100 -15.08 -35.44 -1.98
C TYR E 100 -15.28 -35.15 -3.48
N SER E 101 -15.60 -33.92 -3.84
CA SER E 101 -15.91 -33.59 -5.23
C SER E 101 -14.65 -33.34 -6.04
N THR E 102 -14.61 -33.93 -7.24
CA THR E 102 -13.52 -33.67 -8.18
C THR E 102 -13.75 -32.33 -8.89
N ASP E 103 -12.73 -31.88 -9.61
CA ASP E 103 -12.81 -30.59 -10.30
C ASP E 103 -13.60 -30.65 -11.60
N GLU E 104 -13.80 -31.83 -12.16
CA GLU E 104 -14.61 -31.95 -13.37
C GLU E 104 -16.08 -31.67 -13.07
N GLU E 105 -16.57 -32.12 -11.92
CA GLU E 105 -17.94 -31.85 -11.50
C GLU E 105 -18.16 -30.36 -11.24
N ARG E 106 -17.18 -29.71 -10.61
CA ARG E 106 -17.30 -28.30 -10.30
C ARG E 106 -17.22 -27.44 -11.56
N ALA E 107 -16.34 -27.82 -12.50
CA ALA E 107 -16.30 -27.13 -13.79
C ALA E 107 -17.56 -27.37 -14.59
N PHE E 108 -18.19 -28.55 -14.43
CA PHE E 108 -19.46 -28.81 -15.08
C PHE E 108 -20.56 -27.92 -14.53
N VAL E 109 -20.58 -27.72 -13.21
CA VAL E 109 -21.57 -26.83 -12.59
C VAL E 109 -21.36 -25.38 -13.03
N ARG E 110 -20.11 -24.93 -13.03
CA ARG E 110 -19.78 -23.56 -13.41
C ARG E 110 -20.13 -23.27 -14.87
N THR E 111 -19.71 -24.16 -15.78
CA THR E 111 -20.00 -23.94 -17.19
C THR E 111 -21.46 -24.20 -17.53
N GLU E 112 -22.14 -25.04 -16.75
CA GLU E 112 -23.59 -25.21 -16.91
C GLU E 112 -24.33 -23.94 -16.56
N LEU E 113 -23.94 -23.27 -15.48
CA LEU E 113 -24.57 -22.01 -15.12
C LEU E 113 -24.21 -20.90 -16.11
N ALA E 114 -22.95 -20.86 -16.56
CA ALA E 114 -22.53 -19.83 -17.49
C ALA E 114 -23.15 -19.99 -18.87
N ALA E 115 -23.48 -21.22 -19.27
CA ALA E 115 -24.19 -21.43 -20.52
C ALA E 115 -25.71 -21.38 -20.35
N LEU E 116 -26.21 -21.55 -19.13
CA LEU E 116 -27.64 -21.49 -18.87
C LEU E 116 -28.12 -20.08 -18.64
N LEU E 117 -27.22 -19.14 -18.32
CA LEU E 117 -27.59 -17.73 -18.28
C LEU E 117 -27.67 -17.07 -19.66
N ALA E 118 -27.54 -17.84 -20.74
CA ALA E 118 -27.73 -17.33 -22.09
C ALA E 118 -28.87 -18.05 -22.82
N SER E 119 -29.64 -18.87 -22.12
CA SER E 119 -30.76 -19.57 -22.72
C SER E 119 -31.91 -18.59 -22.98
N PRO E 120 -32.80 -18.91 -23.93
CA PRO E 120 -33.99 -18.05 -24.10
C PRO E 120 -34.92 -18.03 -22.91
N LEU E 121 -34.95 -19.12 -22.13
CA LEU E 121 -35.73 -19.16 -20.90
C LEU E 121 -35.22 -18.13 -19.89
N LEU E 122 -33.91 -18.05 -19.72
CA LEU E 122 -33.36 -17.13 -18.73
C LEU E 122 -33.33 -15.70 -19.22
N ILE E 123 -33.11 -15.47 -20.53
CA ILE E 123 -33.15 -14.10 -21.03
C ILE E 123 -34.57 -13.61 -21.23
N ASP E 124 -35.57 -14.50 -21.11
CA ASP E 124 -36.95 -14.06 -21.03
C ASP E 124 -37.44 -13.92 -19.59
N ALA E 125 -36.87 -14.68 -18.66
CA ALA E 125 -37.29 -14.58 -17.27
C ALA E 125 -36.57 -13.49 -16.49
N ILE E 126 -35.37 -13.12 -16.91
CA ILE E 126 -34.63 -12.06 -16.21
C ILE E 126 -34.92 -10.70 -16.83
N ASP E 127 -34.86 -10.61 -18.16
CA ASP E 127 -35.02 -9.31 -18.82
C ASP E 127 -36.47 -8.84 -18.81
N GLN E 128 -37.39 -9.69 -19.28
CA GLN E 128 -38.78 -9.32 -19.43
C GLN E 128 -39.65 -9.75 -18.25
N LEU E 129 -39.08 -10.54 -17.32
CA LEU E 129 -39.73 -10.99 -16.08
C LEU E 129 -40.99 -11.79 -16.35
N ASN E 130 -40.95 -12.64 -17.36
CA ASN E 130 -42.08 -13.52 -17.60
C ASN E 130 -41.84 -14.85 -16.93
N PRO E 131 -42.81 -15.37 -16.17
CA PRO E 131 -42.66 -16.70 -15.60
C PRO E 131 -42.66 -17.77 -16.69
N ALA E 132 -42.01 -18.89 -16.38
CA ALA E 132 -41.91 -19.98 -17.34
C ALA E 132 -43.26 -20.67 -17.46
N TYR E 133 -43.93 -20.45 -18.59
CA TYR E 133 -45.27 -20.97 -18.81
C TYR E 133 -45.57 -21.07 -20.29
N ALA F 2 4.88 -11.81 5.52
CA ALA F 2 4.66 -11.03 4.31
C ALA F 2 3.34 -11.43 3.66
N LYS F 3 3.19 -11.07 2.39
CA LYS F 3 2.00 -11.41 1.63
C LYS F 3 2.00 -12.90 1.29
N LEU F 4 0.82 -13.52 1.36
CA LEU F 4 0.70 -14.92 0.94
C LEU F 4 0.88 -15.04 -0.57
N GLU F 5 1.59 -16.08 -0.98
CA GLU F 5 1.91 -16.29 -2.37
C GLU F 5 2.17 -17.77 -2.59
N THR F 6 2.23 -18.17 -3.86
CA THR F 6 2.41 -19.57 -4.21
C THR F 6 3.85 -19.97 -3.91
N VAL F 7 4.04 -20.78 -2.88
CA VAL F 7 5.37 -21.23 -2.49
C VAL F 7 5.68 -22.50 -3.26
N THR F 8 6.65 -22.44 -4.17
CA THR F 8 7.01 -23.59 -5.00
C THR F 8 8.35 -24.15 -4.54
N LEU F 9 8.27 -25.05 -3.56
CA LEU F 9 9.46 -25.64 -2.97
C LEU F 9 10.05 -26.69 -3.91
N GLY F 10 11.37 -26.66 -4.06
CA GLY F 10 12.04 -27.57 -4.97
C GLY F 10 13.07 -28.45 -4.30
N ASN F 11 13.47 -29.52 -5.01
CA ASN F 11 14.45 -30.51 -4.55
C ASN F 11 14.04 -31.16 -3.23
N ILE F 12 12.90 -31.85 -3.29
CA ILE F 12 12.30 -32.50 -2.14
C ILE F 12 12.29 -34.00 -2.40
N GLY F 13 12.54 -34.80 -1.36
CA GLY F 13 12.31 -36.22 -1.43
C GLY F 13 13.50 -37.01 -0.99
N LYS F 14 13.35 -38.33 -1.08
CA LYS F 14 14.44 -39.25 -0.74
C LYS F 14 15.59 -39.13 -1.72
N ASP F 15 15.28 -38.91 -3.00
CA ASP F 15 16.30 -38.72 -4.02
C ASP F 15 16.68 -37.25 -4.20
N GLY F 16 15.70 -36.35 -4.09
CA GLY F 16 15.95 -34.93 -4.23
C GLY F 16 15.56 -34.34 -5.55
N LYS F 17 14.48 -34.82 -6.18
CA LYS F 17 14.05 -34.31 -7.47
C LYS F 17 12.60 -33.86 -7.53
N GLN F 18 11.80 -34.17 -6.51
CA GLN F 18 10.39 -33.80 -6.54
C GLN F 18 10.20 -32.35 -6.11
N THR F 19 9.16 -31.72 -6.65
CA THR F 19 8.80 -30.37 -6.31
C THR F 19 7.38 -30.35 -5.74
N LEU F 20 7.08 -29.31 -4.97
CA LEU F 20 5.78 -29.16 -4.35
C LEU F 20 5.37 -27.70 -4.44
N VAL F 21 4.30 -27.43 -5.17
CA VAL F 21 3.78 -26.08 -5.32
C VAL F 21 2.56 -25.93 -4.41
N LEU F 22 2.56 -24.90 -3.58
CA LEU F 22 1.50 -24.65 -2.61
C LEU F 22 0.85 -23.31 -2.93
N ASN F 23 -0.46 -23.34 -3.10
CA ASN F 23 -1.29 -22.16 -3.32
C ASN F 23 -1.88 -21.67 -2.01
N PRO F 24 -1.93 -20.36 -1.80
CA PRO F 24 -2.51 -19.83 -0.56
C PRO F 24 -4.02 -19.93 -0.58
N ARG F 25 -4.60 -20.16 0.59
CA ARG F 25 -6.05 -20.28 0.75
C ARG F 25 -6.54 -19.44 1.93
N GLY F 26 -6.08 -18.20 2.00
CA GLY F 26 -6.61 -17.24 2.94
C GLY F 26 -6.09 -17.43 4.35
N VAL F 27 -6.52 -16.51 5.22
CA VAL F 27 -6.15 -16.49 6.63
C VAL F 27 -7.42 -16.65 7.45
N ASN F 28 -7.42 -17.62 8.35
CA ASN F 28 -8.57 -17.89 9.21
C ASN F 28 -8.73 -16.73 10.20
N PRO F 29 -9.87 -16.02 10.20
CA PRO F 29 -10.00 -14.87 11.10
C PRO F 29 -10.22 -15.24 12.56
N THR F 30 -10.63 -16.48 12.84
CA THR F 30 -10.94 -16.87 14.21
C THR F 30 -9.67 -17.02 15.05
N ASN F 31 -8.59 -17.51 14.46
CA ASN F 31 -7.36 -17.74 15.21
C ASN F 31 -6.09 -17.25 14.52
N GLY F 32 -6.19 -16.60 13.36
CA GLY F 32 -5.01 -16.03 12.72
C GLY F 32 -4.06 -17.05 12.13
N VAL F 33 -4.58 -18.10 11.50
CA VAL F 33 -3.78 -19.18 10.98
C VAL F 33 -3.85 -19.14 9.45
N ALA F 34 -2.73 -18.84 8.81
CA ALA F 34 -2.68 -18.83 7.35
C ALA F 34 -2.46 -20.23 6.82
N SER F 35 -3.13 -20.55 5.72
CA SER F 35 -3.11 -21.89 5.15
C SER F 35 -2.61 -21.87 3.72
N LEU F 36 -1.92 -22.95 3.33
CA LEU F 36 -1.50 -23.18 1.95
C LEU F 36 -1.72 -24.65 1.65
N SER F 37 -2.02 -24.97 0.40
CA SER F 37 -2.25 -26.37 0.06
C SER F 37 -1.82 -26.65 -1.38
N GLN F 38 -1.62 -27.93 -1.67
CA GLN F 38 -1.29 -28.36 -3.01
C GLN F 38 -2.53 -28.33 -3.90
N ALA F 39 -2.35 -27.91 -5.15
CA ALA F 39 -3.46 -27.88 -6.10
C ALA F 39 -3.75 -29.28 -6.64
N GLY F 40 -4.32 -30.14 -5.81
CA GLY F 40 -4.65 -31.49 -6.21
C GLY F 40 -6.12 -31.67 -6.53
N ALA F 41 -6.89 -30.59 -6.28
CA ALA F 41 -8.29 -30.43 -6.67
C ALA F 41 -9.24 -31.38 -5.94
N VAL F 42 -8.76 -32.18 -5.00
CA VAL F 42 -9.60 -33.02 -4.17
C VAL F 42 -9.46 -32.54 -2.72
N PRO F 43 -10.53 -32.05 -2.10
CA PRO F 43 -10.43 -31.41 -0.77
C PRO F 43 -9.98 -32.29 0.39
N ALA F 44 -9.83 -33.59 0.21
CA ALA F 44 -9.33 -34.44 1.29
C ALA F 44 -7.94 -34.98 1.01
N LEU F 45 -7.42 -34.79 -0.20
CA LEU F 45 -6.15 -35.37 -0.60
C LEU F 45 -5.10 -34.29 -0.85
N GLU F 46 -5.21 -33.19 -0.12
CA GLU F 46 -4.31 -32.06 -0.30
C GLU F 46 -3.23 -32.06 0.79
N LYS F 47 -1.99 -31.91 0.35
CA LYS F 47 -0.88 -31.68 1.26
C LYS F 47 -0.92 -30.22 1.68
N ARG F 48 -1.03 -29.96 2.98
CA ARG F 48 -1.29 -28.60 3.44
C ARG F 48 -0.30 -28.18 4.52
N VAL F 49 -0.07 -26.87 4.57
CA VAL F 49 0.88 -26.23 5.49
C VAL F 49 0.19 -25.03 6.10
N THR F 50 0.12 -24.97 7.43
CA THR F 50 -0.51 -23.87 8.14
C THR F 50 0.52 -23.18 9.04
N VAL F 51 0.66 -21.87 8.88
CA VAL F 51 1.62 -21.08 9.64
C VAL F 51 0.89 -19.97 10.39
N SER F 52 1.29 -19.73 11.64
CA SER F 52 0.64 -18.71 12.45
C SER F 52 1.60 -18.20 13.51
N VAL F 53 1.69 -16.87 13.63
CA VAL F 53 2.46 -16.23 14.69
C VAL F 53 1.48 -15.67 15.71
N SER F 54 1.85 -15.77 16.99
CA SER F 54 0.97 -15.41 18.09
C SER F 54 1.61 -14.34 18.94
N GLN F 55 0.88 -13.23 19.10
CA GLN F 55 1.13 -12.05 19.91
C GLN F 55 1.14 -12.42 21.40
N PRO F 56 1.68 -11.58 22.28
CA PRO F 56 1.66 -11.94 23.71
C PRO F 56 0.33 -11.58 24.35
N SER F 57 -0.03 -12.36 25.35
CA SER F 57 -1.26 -12.17 26.11
C SER F 57 -0.91 -11.95 27.57
N ARG F 58 -1.92 -11.95 28.43
CA ARG F 58 -1.70 -11.90 29.87
C ARG F 58 -1.40 -13.28 30.46
N ASN F 59 -1.23 -14.30 29.62
CA ASN F 59 -0.98 -15.66 30.07
C ASN F 59 0.24 -16.30 29.42
N ARG F 60 0.83 -15.68 28.40
CA ARG F 60 1.97 -16.25 27.71
C ARG F 60 3.20 -15.35 27.71
N LYS F 61 3.02 -14.04 27.49
CA LYS F 61 4.05 -12.98 27.43
C LYS F 61 5.28 -13.35 26.59
N ASN F 62 5.09 -14.15 25.54
CA ASN F 62 6.16 -14.52 24.63
C ASN F 62 5.57 -14.64 23.23
N TYR F 63 6.38 -14.34 22.22
CA TYR F 63 5.95 -14.55 20.84
C TYR F 63 6.02 -16.03 20.51
N LYS F 64 5.00 -16.55 19.82
CA LYS F 64 4.97 -17.97 19.51
C LYS F 64 4.66 -18.20 18.04
N VAL F 65 5.64 -18.72 17.30
CA VAL F 65 5.46 -19.06 15.89
C VAL F 65 5.16 -20.55 15.80
N GLN F 66 4.20 -20.93 14.97
CA GLN F 66 3.82 -22.34 14.88
C GLN F 66 3.52 -22.72 13.44
N VAL F 67 4.14 -23.80 12.97
CA VAL F 67 4.04 -24.29 11.62
C VAL F 67 3.60 -25.75 11.66
N LYS F 68 2.56 -26.09 10.92
CA LYS F 68 2.07 -27.46 10.83
C LYS F 68 2.07 -27.91 9.38
N ILE F 69 2.53 -29.14 9.16
CA ILE F 69 2.54 -29.77 7.85
C ILE F 69 1.74 -31.06 7.95
N GLN F 70 0.79 -31.23 7.04
CA GLN F 70 -0.09 -32.40 7.02
C GLN F 70 -0.08 -32.99 5.63
N ASN F 71 0.28 -34.27 5.53
CA ASN F 71 0.39 -34.95 4.24
C ASN F 71 -0.45 -36.23 4.28
N PRO F 72 -1.60 -36.29 3.64
CA PRO F 72 -2.37 -37.54 3.58
C PRO F 72 -1.96 -38.39 2.39
N THR F 73 -2.16 -39.70 2.55
CA THR F 73 -1.87 -40.66 1.48
C THR F 73 -3.17 -41.32 1.04
N ALA F 74 -3.45 -41.26 -0.26
CA ALA F 74 -4.66 -41.84 -0.81
C ALA F 74 -4.43 -43.27 -1.28
N CYS F 75 -5.53 -44.01 -1.38
CA CYS F 75 -5.50 -45.34 -1.99
C CYS F 75 -6.83 -45.58 -2.68
N THR F 76 -6.78 -46.12 -3.89
CA THR F 76 -8.00 -46.54 -4.55
C THR F 76 -8.52 -47.82 -3.92
N ALA F 77 -9.81 -48.09 -4.11
CA ALA F 77 -10.45 -49.20 -3.45
C ALA F 77 -11.24 -50.03 -4.45
N ASN F 78 -11.42 -51.30 -4.12
CA ASN F 78 -12.31 -52.21 -4.84
C ASN F 78 -13.55 -52.40 -3.97
N GLY F 79 -14.62 -51.68 -4.32
CA GLY F 79 -15.79 -51.57 -3.46
C GLY F 79 -16.32 -50.15 -3.50
N SER F 80 -15.50 -49.24 -4.03
CA SER F 80 -15.89 -47.85 -4.19
C SER F 80 -15.07 -47.27 -5.34
N CYS F 81 -15.56 -46.17 -5.91
CA CYS F 81 -14.88 -45.53 -7.04
C CYS F 81 -14.07 -44.31 -6.63
N ASP F 82 -14.20 -43.84 -5.40
CA ASP F 82 -13.43 -42.69 -4.98
C ASP F 82 -12.37 -43.09 -3.96
N PRO F 83 -11.17 -42.53 -4.06
CA PRO F 83 -10.11 -42.89 -3.10
C PRO F 83 -10.37 -42.25 -1.74
N SER F 84 -9.88 -42.92 -0.70
CA SER F 84 -10.03 -42.47 0.67
C SER F 84 -8.65 -42.27 1.29
N VAL F 85 -8.65 -41.71 2.50
CA VAL F 85 -7.41 -41.42 3.21
C VAL F 85 -7.06 -42.61 4.09
N THR F 86 -5.94 -43.27 3.77
CA THR F 86 -5.50 -44.40 4.56
C THR F 86 -4.76 -43.94 5.82
N ARG F 87 -3.81 -43.03 5.67
CA ARG F 87 -3.00 -42.55 6.77
C ARG F 87 -2.49 -41.16 6.44
N GLN F 88 -2.00 -40.48 7.47
CA GLN F 88 -1.51 -39.11 7.34
C GLN F 88 -0.19 -38.98 8.10
N ALA F 89 0.68 -38.14 7.57
CA ALA F 89 1.95 -37.81 8.19
C ALA F 89 1.91 -36.37 8.66
N TYR F 90 2.34 -36.14 9.90
CA TYR F 90 2.24 -34.82 10.51
C TYR F 90 3.63 -34.27 10.83
N ALA F 91 3.69 -32.95 10.94
CA ALA F 91 4.87 -32.26 11.43
C ALA F 91 4.42 -30.98 12.12
N ASP F 92 5.02 -30.67 13.26
CA ASP F 92 4.58 -29.55 14.10
C ASP F 92 5.81 -28.89 14.69
N VAL F 93 6.06 -27.64 14.30
CA VAL F 93 7.21 -26.87 14.75
C VAL F 93 6.69 -25.67 15.51
N THR F 94 7.23 -25.44 16.71
CA THR F 94 6.86 -24.28 17.51
C THR F 94 8.11 -23.57 18.01
N PHE F 95 8.25 -22.31 17.59
CA PHE F 95 9.30 -21.42 18.07
C PHE F 95 8.71 -20.52 19.15
N SER F 96 9.47 -20.33 20.24
CA SER F 96 9.01 -19.52 21.36
C SER F 96 10.10 -18.51 21.69
N PHE F 97 9.85 -17.24 21.36
CA PHE F 97 10.84 -16.20 21.58
C PHE F 97 10.35 -15.21 22.62
N THR F 98 11.28 -14.54 23.29
CA THR F 98 10.94 -13.63 24.37
C THR F 98 10.68 -12.24 23.82
N GLN F 99 10.49 -11.29 24.74
CA GLN F 99 10.10 -9.94 24.36
C GLN F 99 11.32 -9.05 24.16
N TYR F 100 12.53 -9.60 24.26
CA TYR F 100 13.77 -8.84 24.17
C TYR F 100 14.75 -9.43 23.16
N SER F 101 14.31 -10.38 22.34
CA SER F 101 15.21 -11.08 21.43
C SER F 101 15.42 -10.29 20.15
N THR F 102 16.69 -10.20 19.74
CA THR F 102 17.03 -9.60 18.46
C THR F 102 16.78 -10.59 17.31
N ASP F 103 16.85 -10.08 16.09
CA ASP F 103 16.57 -10.91 14.92
C ASP F 103 17.73 -11.82 14.53
N GLU F 104 18.95 -11.52 15.00
CA GLU F 104 20.08 -12.39 14.72
C GLU F 104 19.96 -13.71 15.45
N GLU F 105 19.45 -13.67 16.68
CA GLU F 105 19.23 -14.90 17.46
C GLU F 105 18.14 -15.76 16.83
N ARG F 106 17.07 -15.12 16.35
CA ARG F 106 15.97 -15.85 15.74
C ARG F 106 16.37 -16.45 14.41
N ALA F 107 17.15 -15.71 13.62
CA ALA F 107 17.68 -16.27 12.37
C ALA F 107 18.67 -17.38 12.64
N PHE F 108 19.41 -17.29 13.76
CA PHE F 108 20.31 -18.38 14.14
C PHE F 108 19.54 -19.64 14.48
N VAL F 109 18.41 -19.50 15.19
CA VAL F 109 17.58 -20.65 15.53
C VAL F 109 16.96 -21.27 14.28
N ARG F 110 16.43 -20.42 13.38
CA ARG F 110 15.80 -20.90 12.16
C ARG F 110 16.79 -21.62 11.25
N THR F 111 17.95 -21.01 11.01
CA THR F 111 18.94 -21.64 10.14
C THR F 111 19.62 -22.82 10.81
N GLU F 112 19.70 -22.83 12.15
CA GLU F 112 20.20 -24.01 12.86
C GLU F 112 19.27 -25.19 12.67
N LEU F 113 17.96 -24.97 12.76
CA LEU F 113 17.02 -26.06 12.53
C LEU F 113 17.00 -26.49 11.06
N ALA F 114 17.09 -25.53 10.14
CA ALA F 114 17.05 -25.86 8.71
C ALA F 114 18.32 -26.58 8.26
N ALA F 115 19.45 -26.35 8.92
CA ALA F 115 20.65 -27.09 8.61
C ALA F 115 20.78 -28.37 9.43
N LEU F 116 20.06 -28.47 10.55
CA LEU F 116 20.09 -29.65 11.38
C LEU F 116 19.11 -30.72 10.91
N LEU F 117 18.12 -30.35 10.10
CA LEU F 117 17.27 -31.34 9.45
C LEU F 117 17.91 -32.00 8.23
N ALA F 118 19.19 -31.73 7.95
CA ALA F 118 19.93 -32.41 6.90
C ALA F 118 21.14 -33.16 7.44
N SER F 119 21.27 -33.28 8.76
CA SER F 119 22.37 -34.01 9.35
C SER F 119 22.17 -35.51 9.17
N PRO F 120 23.25 -36.31 9.20
CA PRO F 120 23.08 -37.77 9.17
C PRO F 120 22.33 -38.33 10.36
N LEU F 121 22.43 -37.68 11.52
CA LEU F 121 21.67 -38.08 12.70
C LEU F 121 20.18 -37.96 12.46
N LEU F 122 19.76 -36.83 11.87
CA LEU F 122 18.33 -36.62 11.66
C LEU F 122 17.79 -37.40 10.47
N ILE F 123 18.58 -37.57 9.40
CA ILE F 123 18.11 -38.39 8.29
C ILE F 123 18.22 -39.88 8.57
N ASP F 124 18.88 -40.27 9.66
CA ASP F 124 18.79 -41.64 10.14
C ASP F 124 17.72 -41.83 11.19
N ALA F 125 17.37 -40.79 11.95
CA ALA F 125 16.35 -40.93 12.99
C ALA F 125 14.94 -40.69 12.45
N ILE F 126 14.79 -39.94 11.37
CA ILE F 126 13.46 -39.70 10.80
C ILE F 126 13.12 -40.72 9.73
N ASP F 127 14.06 -40.98 8.81
CA ASP F 127 13.78 -41.88 7.70
C ASP F 127 13.75 -43.33 8.14
N GLN F 128 14.81 -43.80 8.80
CA GLN F 128 14.95 -45.19 9.18
C GLN F 128 14.49 -45.48 10.61
N LEU F 129 14.18 -44.43 11.38
CA LEU F 129 13.65 -44.52 12.75
C LEU F 129 14.59 -45.26 13.69
N ASN F 130 15.89 -44.99 13.55
CA ASN F 130 16.83 -45.58 14.48
C ASN F 130 17.11 -44.59 15.60
N PRO F 131 17.06 -45.01 16.86
CA PRO F 131 17.43 -44.12 17.96
C PRO F 131 18.91 -43.80 17.92
N ALA F 132 19.27 -42.65 18.45
CA ALA F 132 20.65 -42.21 18.47
C ALA F 132 21.43 -43.04 19.47
#